data_4Q2C
#
_entry.id   4Q2C
#
_cell.length_a   104.268
_cell.length_b   214.558
_cell.length_c   102.196
_cell.angle_alpha   90.00
_cell.angle_beta   90.00
_cell.angle_gamma   90.00
#
_symmetry.space_group_name_H-M   'C 2 2 21'
#
loop_
_entity.id
_entity.type
_entity.pdbx_description
1 polymer 'CRISPR-associated helicase Cas3'
2 non-polymer 'NICKEL (II) ION'
3 water water
#
_entity_poly.entity_id   1
_entity_poly.type   'polypeptide(L)'
_entity_poly.pdbx_seq_one_letter_code
;GGGGG(MSE)NGGPG(MSE)DGTSEVDLSGAGSPVGAAGWRVDPWIFWAKWGSGPDLGWHPLLCH(MSE)LDVAAVTLQ
(MSE)WRRVLPAAWKARISGVLGVGQEDAERWLAFFAGGHDIGKASPAFQLQLRPEQGRELVARRLRDAGLPLFNARAPH
GTISANVLETVLADVFGLSGRSARWVAFAVGGHHGFVPSYDEVRRDLDQQAVGWG(MSE)WDAAREVLLCRLADALGLPG
SSRPTVESTPDAF(MSE)LAGLVSVADWIGSNEEYFPYAAQSALQVPQLDAEAYLERA(MSE)RQAERA(MSE)ASLGWV
GWRPASGS(MSE)RLTELFPYIRQPTTVQAAAEELAGEVKSPSITIIEAP(MSE)GEGKTEAA(MSE)LLADTFSTAHG
(MSE)SGCYFALPT(MSE)ATSNQ(MSE)FGRVTDYLRHRYPEDVVVVNLVHGHSDLSALLQELRQKGEEIFQLQGVYDE
ALGDEQLGAVVAGQWFTRGKRALLPPYGVGTVDQALLAVLQVKHVFVRLFALSTKTVIVDEVHAYDVY(MSE)TTLLHRL
LEWLGALSVPVVVLSATLPSARRRELVKAYARGAGWQAERDLPPAGYPRITYAAAEDVRGIHFAPSEASRRKVALRWVSA
PEHEALGQLLAEALSQGGCAAIICNTVPRAQALYSALREVFPGLAEDG(MSE)PELDLLHARYPYEEREVREARTLGRFS
RNGRRPHRAILVATQVIEQSLDLDFDL(MSE)VTDLAPVDLVLQR(MSE)GRLHRHPVHDPLRPERLRSPELWVVSPQV
(MSE)GDVPIFDRGSASVYDEHTLLRSWLALRDRDTLQLPEDIEELVEQVYSDGRVPQGASEELRSLWERTFKAQQKVLR
EDSLQAKYRYIKGPGYNSIWGIVTASVEEDAPELHPALQALTRLAEPSVSAVCLVAGSGGPCLPDGTPVDLDTPPDAA
(MSE)AERLLRRSVAITDARVLDPLLDVPVPKGWERSSLLRGYRPLVFDASGRA(MSE)VGRWIVRIDPELGIVVESP
;
_entity_poly.pdbx_strand_id   A
#
loop_
_chem_comp.id
_chem_comp.type
_chem_comp.name
_chem_comp.formula
NI non-polymer 'NICKEL (II) ION' 'Ni 2'
#
# COMPACT_ATOMS: atom_id res chain seq x y z
N GLY A 24 27.13 -12.26 39.44
CA GLY A 24 28.15 -11.72 40.33
C GLY A 24 29.16 -10.87 39.61
N SER A 25 28.76 -9.67 39.23
CA SER A 25 29.60 -8.80 38.42
C SER A 25 29.70 -7.37 38.96
N PRO A 26 30.48 -7.18 40.05
CA PRO A 26 30.71 -5.84 40.59
C PRO A 26 31.70 -5.05 39.74
N VAL A 27 31.19 -4.02 39.06
CA VAL A 27 32.05 -3.16 38.25
C VAL A 27 32.66 -2.06 39.09
N GLY A 28 33.98 -1.89 38.99
CA GLY A 28 34.68 -0.82 39.67
C GLY A 28 34.58 0.48 38.87
N ALA A 29 35.10 1.56 39.44
CA ALA A 29 34.98 2.87 38.82
C ALA A 29 35.70 2.95 37.47
N ALA A 30 36.80 2.21 37.35
CA ALA A 30 37.54 2.15 36.09
C ALA A 30 36.67 1.53 35.01
N GLY A 31 35.79 0.63 35.40
CA GLY A 31 34.86 0.03 34.46
C GLY A 31 33.80 1.03 34.05
N TRP A 32 33.46 1.94 34.96
CA TRP A 32 32.49 2.99 34.67
C TRP A 32 33.07 4.10 33.80
N ARG A 33 34.40 4.18 33.73
CA ARG A 33 35.06 5.15 32.85
C ARG A 33 34.67 4.95 31.38
N VAL A 34 35.19 3.88 30.79
CA VAL A 34 34.78 3.34 29.46
C VAL A 34 34.99 4.15 28.16
N ASP A 35 34.58 5.43 28.12
CA ASP A 35 34.60 6.23 26.88
C ASP A 35 33.61 5.69 25.83
N PRO A 36 32.42 6.32 25.75
CA PRO A 36 31.27 5.90 24.95
C PRO A 36 31.54 5.80 23.45
N TRP A 37 32.44 6.64 22.93
CA TRP A 37 32.62 6.76 21.49
C TRP A 37 33.27 5.56 20.80
N ILE A 38 33.92 4.69 21.58
CA ILE A 38 34.61 3.53 21.00
C ILE A 38 33.69 2.52 20.31
N PHE A 39 32.46 2.41 20.79
CA PHE A 39 31.49 1.49 20.19
C PHE A 39 31.01 1.96 18.82
N TRP A 40 30.83 1.03 17.89
CA TRP A 40 30.39 1.37 16.54
C TRP A 40 28.97 0.89 16.24
N ALA A 41 28.27 1.64 15.39
CA ALA A 41 26.94 1.25 14.91
C ALA A 41 26.93 1.04 13.40
N LYS A 42 27.77 1.79 12.69
CA LYS A 42 27.91 1.65 11.25
C LYS A 42 29.38 1.52 10.90
N TRP A 43 29.68 0.78 9.83
CA TRP A 43 31.05 0.60 9.39
C TRP A 43 31.11 0.57 7.86
N GLY A 44 32.11 1.24 7.30
CA GLY A 44 32.26 1.30 5.85
C GLY A 44 32.87 0.05 5.27
N SER A 45 32.86 -0.07 3.95
CA SER A 45 33.36 -1.27 3.29
C SER A 45 34.65 -1.03 2.50
N GLY A 46 34.52 -0.48 1.31
CA GLY A 46 35.65 -0.30 0.42
C GLY A 46 36.15 1.13 0.35
N PRO A 47 35.57 1.94 -0.55
CA PRO A 47 35.95 3.34 -0.74
C PRO A 47 35.80 4.16 0.52
N ASP A 48 34.80 3.83 1.35
CA ASP A 48 34.61 4.50 2.63
C ASP A 48 35.24 3.69 3.77
N LEU A 49 36.41 4.12 4.22
CA LEU A 49 37.14 3.43 5.27
C LEU A 49 36.64 3.81 6.66
N GLY A 50 35.74 4.79 6.73
CA GLY A 50 35.30 5.33 8.00
C GLY A 50 34.22 4.51 8.71
N TRP A 51 33.86 4.93 9.91
CA TRP A 51 32.83 4.25 10.69
C TRP A 51 32.08 5.22 11.58
N HIS A 52 30.84 4.87 11.92
CA HIS A 52 29.99 5.75 12.71
C HIS A 52 29.80 5.21 14.13
N PRO A 53 30.22 5.98 15.13
CA PRO A 53 30.07 5.58 16.53
C PRO A 53 28.60 5.40 16.93
N LEU A 54 28.33 4.44 17.79
CA LEU A 54 26.95 4.11 18.19
C LEU A 54 26.22 5.24 18.90
N LEU A 55 26.94 5.99 19.73
CA LEU A 55 26.32 7.12 20.41
C LEU A 55 25.90 8.18 19.40
N CYS A 56 26.70 8.33 18.34
CA CYS A 56 26.37 9.25 17.26
C CYS A 56 25.11 8.81 16.53
N HIS A 57 24.98 7.51 16.31
CA HIS A 57 23.82 6.99 15.60
C HIS A 57 22.55 7.16 16.44
N MSE A 58 22.67 6.91 17.74
CA MSE A 58 21.52 7.06 18.62
C MSE A 58 21.11 8.53 18.70
O MSE A 58 19.90 8.84 18.71
CB MSE A 58 21.85 6.52 20.02
CG MSE A 58 22.21 5.04 20.02
SE MSE A 58 22.26 4.24 21.80
CE MSE A 58 23.82 5.19 22.50
N LEU A 59 22.09 9.42 18.73
CA LEU A 59 21.81 10.85 18.69
C LEU A 59 21.17 11.25 17.36
N ASP A 60 21.55 10.58 16.29
CA ASP A 60 21.01 10.90 14.97
C ASP A 60 19.55 10.51 14.89
N VAL A 61 19.24 9.28 15.30
CA VAL A 61 17.85 8.83 15.26
C VAL A 61 16.98 9.64 16.21
N ALA A 62 17.54 10.01 17.36
CA ALA A 62 16.81 10.86 18.29
C ALA A 62 16.56 12.26 17.71
N ALA A 63 17.53 12.77 16.96
CA ALA A 63 17.38 14.07 16.30
C ALA A 63 16.33 14.02 15.21
N VAL A 64 16.30 12.89 14.49
CA VAL A 64 15.30 12.69 13.45
C VAL A 64 13.93 12.66 14.10
N THR A 65 13.84 12.04 15.27
CA THR A 65 12.56 11.98 15.98
C THR A 65 12.12 13.36 16.45
N LEU A 66 13.07 14.16 16.94
CA LEU A 66 12.75 15.49 17.42
C LEU A 66 12.25 16.37 16.28
N GLN A 67 12.97 16.33 15.16
CA GLN A 67 12.59 17.11 13.99
C GLN A 67 11.27 16.62 13.38
N MSE A 68 10.98 15.34 13.54
CA MSE A 68 9.69 14.80 13.13
C MSE A 68 8.60 15.43 13.98
O MSE A 68 7.55 15.82 13.47
CB MSE A 68 9.64 13.30 13.33
CG MSE A 68 10.22 12.47 12.21
SE MSE A 68 9.98 10.57 12.52
CE MSE A 68 10.89 9.90 10.94
N TRP A 69 8.87 15.51 15.29
CA TRP A 69 7.90 16.06 16.21
C TRP A 69 7.67 17.55 15.98
N ARG A 70 8.71 18.25 15.55
CA ARG A 70 8.64 19.70 15.45
C ARG A 70 8.22 20.23 14.07
N ARG A 71 8.47 19.45 13.03
CA ARG A 71 8.29 19.95 11.67
C ARG A 71 7.49 19.05 10.74
N VAL A 72 7.12 17.86 11.22
CA VAL A 72 6.44 16.90 10.35
C VAL A 72 5.07 16.43 10.86
N LEU A 73 5.05 15.90 12.08
CA LEU A 73 3.87 15.26 12.63
C LEU A 73 2.71 16.23 12.87
N PRO A 74 1.49 15.82 12.47
CA PRO A 74 0.25 16.60 12.66
C PRO A 74 -0.08 16.80 14.13
N ALA A 75 -0.68 17.93 14.46
CA ALA A 75 -0.91 18.30 15.85
C ALA A 75 -1.80 17.31 16.62
N ALA A 76 -2.77 16.74 15.93
CA ALA A 76 -3.68 15.79 16.57
C ALA A 76 -2.94 14.53 17.02
N TRP A 77 -1.95 14.14 16.22
CA TRP A 77 -1.15 12.97 16.54
C TRP A 77 -0.29 13.22 17.77
N LYS A 78 0.27 14.42 17.84
CA LYS A 78 1.10 14.80 18.98
C LYS A 78 0.28 14.92 20.27
N ALA A 79 -0.92 15.47 20.15
CA ALA A 79 -1.80 15.61 21.30
C ALA A 79 -2.28 14.24 21.78
N ARG A 80 -2.60 13.37 20.83
CA ARG A 80 -3.11 12.04 21.17
C ARG A 80 -2.02 11.21 21.82
N ILE A 81 -0.85 11.17 21.20
CA ILE A 81 0.26 10.39 21.75
C ILE A 81 0.77 10.96 23.09
N SER A 82 0.70 12.28 23.24
CA SER A 82 1.06 12.89 24.52
C SER A 82 0.06 12.48 25.59
N GLY A 83 -1.21 12.36 25.21
CA GLY A 83 -2.22 11.92 26.16
C GLY A 83 -2.08 10.45 26.51
N VAL A 84 -1.70 9.63 25.53
CA VAL A 84 -1.45 8.22 25.79
C VAL A 84 -0.25 8.05 26.71
N LEU A 85 0.74 8.93 26.56
CA LEU A 85 1.94 8.88 27.40
C LEU A 85 1.72 9.48 28.77
N GLY A 86 0.65 10.25 28.94
CA GLY A 86 0.30 10.82 30.22
C GLY A 86 1.14 12.02 30.63
N VAL A 87 1.86 12.59 29.67
CA VAL A 87 2.73 13.73 29.96
C VAL A 87 2.50 14.87 28.98
N GLY A 88 3.22 15.97 29.19
CA GLY A 88 3.15 17.13 28.31
C GLY A 88 3.88 16.87 27.01
N GLN A 89 3.66 17.73 26.03
CA GLN A 89 4.19 17.49 24.68
C GLN A 89 5.71 17.51 24.55
N GLU A 90 6.37 18.43 25.27
CA GLU A 90 7.84 18.50 25.21
C GLU A 90 8.45 17.26 25.85
N ASP A 91 7.76 16.76 26.87
CA ASP A 91 8.20 15.59 27.60
C ASP A 91 7.99 14.33 26.76
N ALA A 92 6.83 14.23 26.13
CA ALA A 92 6.54 13.10 25.26
C ALA A 92 7.50 13.09 24.09
N GLU A 93 7.86 14.29 23.63
CA GLU A 93 8.79 14.42 22.52
C GLU A 93 10.18 13.91 22.92
N ARG A 94 10.69 14.39 24.05
CA ARG A 94 12.03 13.98 24.46
C ARG A 94 12.11 12.49 24.78
N TRP A 95 11.03 11.94 25.35
CA TRP A 95 11.02 10.51 25.62
C TRP A 95 10.93 9.65 24.35
N LEU A 96 10.12 10.09 23.39
CA LEU A 96 10.04 9.38 22.13
C LEU A 96 11.38 9.39 21.41
N ALA A 97 12.07 10.53 21.49
CA ALA A 97 13.39 10.63 20.92
C ALA A 97 14.35 9.71 21.66
N PHE A 98 14.13 9.55 22.96
CA PHE A 98 14.97 8.67 23.76
C PHE A 98 14.82 7.21 23.33
N PHE A 99 13.59 6.75 23.20
CA PHE A 99 13.36 5.34 22.83
C PHE A 99 13.86 5.06 21.42
N ALA A 100 13.56 6.00 20.52
CA ALA A 100 13.96 5.86 19.12
C ALA A 100 15.47 5.83 19.00
N GLY A 101 16.14 6.65 19.80
CA GLY A 101 17.60 6.66 19.78
C GLY A 101 18.10 5.37 20.39
N GLY A 102 17.34 4.83 21.33
CA GLY A 102 17.76 3.68 22.10
C GLY A 102 17.54 2.38 21.34
N HIS A 103 16.98 2.49 20.14
CA HIS A 103 16.71 1.30 19.33
C HIS A 103 17.92 0.40 19.08
N ASP A 104 19.12 0.99 19.03
CA ASP A 104 20.32 0.23 18.69
C ASP A 104 21.26 -0.02 19.88
N ILE A 105 20.72 0.06 21.10
CA ILE A 105 21.53 -0.13 22.30
C ILE A 105 22.10 -1.56 22.34
N GLY A 106 21.45 -2.48 21.63
CA GLY A 106 21.88 -3.87 21.62
C GLY A 106 23.13 -4.06 20.79
N LYS A 107 23.50 -3.04 20.03
CA LYS A 107 24.76 -3.06 19.30
C LYS A 107 25.96 -2.99 20.23
N ALA A 108 25.76 -2.46 21.43
CA ALA A 108 26.81 -2.44 22.45
C ALA A 108 26.85 -3.79 23.16
N SER A 109 27.19 -4.82 22.40
CA SER A 109 27.34 -6.18 22.91
C SER A 109 28.56 -6.79 22.23
N PRO A 110 29.19 -7.78 22.87
CA PRO A 110 30.32 -8.42 22.17
C PRO A 110 29.88 -9.03 20.84
N ALA A 111 28.64 -9.51 20.80
CA ALA A 111 28.11 -10.19 19.63
C ALA A 111 28.08 -9.30 18.40
N PHE A 112 27.76 -8.02 18.60
CA PHE A 112 27.70 -7.09 17.48
C PHE A 112 29.03 -6.41 17.20
N GLN A 113 29.74 -5.99 18.25
CA GLN A 113 30.99 -5.28 18.08
C GLN A 113 32.05 -6.17 17.43
N LEU A 114 31.98 -7.47 17.70
CA LEU A 114 32.94 -8.41 17.13
C LEU A 114 32.59 -8.88 15.72
N GLN A 115 31.46 -8.41 15.20
CA GLN A 115 30.96 -8.83 13.89
C GLN A 115 31.87 -8.40 12.75
N LEU A 116 32.76 -7.45 13.02
CA LEU A 116 33.54 -6.80 11.98
C LEU A 116 34.40 -7.74 11.14
N ARG A 117 34.48 -7.40 9.86
CA ARG A 117 35.34 -8.08 8.91
C ARG A 117 36.80 -7.76 9.23
N PRO A 118 37.66 -8.78 9.19
CA PRO A 118 39.08 -8.63 9.54
C PRO A 118 39.78 -7.60 8.65
N GLU A 119 39.36 -7.49 7.40
CA GLU A 119 39.94 -6.51 6.49
C GLU A 119 39.46 -5.09 6.73
N GLN A 120 38.40 -4.92 7.52
CA GLN A 120 38.00 -3.57 7.91
C GLN A 120 38.45 -3.19 9.33
N GLY A 121 39.19 -4.09 9.96
CA GLY A 121 39.82 -3.79 11.23
C GLY A 121 39.09 -4.30 12.46
N ARG A 122 38.70 -5.58 12.43
CA ARG A 122 38.06 -6.19 13.58
C ARG A 122 39.00 -6.22 14.79
N GLU A 123 40.29 -6.40 14.52
CA GLU A 123 41.28 -6.49 15.59
C GLU A 123 41.46 -5.18 16.34
N LEU A 124 41.33 -4.06 15.64
CA LEU A 124 41.47 -2.75 16.26
C LEU A 124 40.35 -2.55 17.27
N VAL A 125 39.15 -2.92 16.86
CA VAL A 125 37.99 -2.84 17.74
C VAL A 125 38.14 -3.80 18.91
N ALA A 126 38.71 -4.97 18.65
CA ALA A 126 38.89 -5.97 19.70
C ALA A 126 39.87 -5.48 20.77
N ARG A 127 40.97 -4.88 20.33
CA ARG A 127 41.93 -4.32 21.27
C ARG A 127 41.32 -3.13 22.00
N ARG A 128 40.47 -2.40 21.30
CA ARG A 128 39.81 -1.22 21.84
C ARG A 128 38.86 -1.61 22.98
N LEU A 129 38.19 -2.74 22.83
CA LEU A 129 37.27 -3.23 23.85
C LEU A 129 38.03 -3.89 24.99
N ARG A 130 39.12 -4.57 24.63
CA ARG A 130 39.95 -5.25 25.61
C ARG A 130 40.63 -4.25 26.55
N ASP A 131 40.97 -3.08 26.02
CA ASP A 131 41.58 -2.03 26.83
C ASP A 131 40.58 -1.51 27.86
N ALA A 132 39.30 -1.57 27.49
CA ALA A 132 38.23 -1.10 28.36
C ALA A 132 37.84 -2.14 29.40
N GLY A 133 38.42 -3.34 29.30
CA GLY A 133 38.14 -4.41 30.24
C GLY A 133 36.88 -5.20 29.91
N LEU A 134 36.32 -4.96 28.73
CA LEU A 134 35.15 -5.70 28.30
C LEU A 134 35.52 -7.12 27.87
N PRO A 135 34.91 -8.13 28.50
CA PRO A 135 35.10 -9.53 28.10
C PRO A 135 34.60 -9.78 26.69
N LEU A 136 35.28 -10.67 25.95
CA LEU A 136 34.89 -10.95 24.57
C LEU A 136 34.34 -12.37 24.42
N PHE A 137 33.25 -12.50 23.65
CA PHE A 137 32.66 -13.80 23.37
C PHE A 137 32.28 -13.85 21.89
N ASN A 138 32.33 -15.03 21.29
CA ASN A 138 31.98 -15.18 19.88
C ASN A 138 30.51 -15.54 19.62
N ALA A 139 29.71 -15.60 20.68
CA ALA A 139 28.28 -15.91 20.54
C ALA A 139 27.54 -14.84 19.73
N ARG A 140 26.58 -15.27 18.93
CA ARG A 140 25.83 -14.36 18.06
C ARG A 140 24.37 -14.21 18.46
N ALA A 141 23.84 -13.01 18.25
CA ALA A 141 22.40 -12.74 18.44
C ALA A 141 22.05 -11.43 17.73
N PRO A 142 20.85 -11.36 17.14
CA PRO A 142 20.47 -10.11 16.46
C PRO A 142 20.45 -8.95 17.45
N HIS A 143 20.90 -7.77 17.04
CA HIS A 143 21.08 -6.68 17.98
C HIS A 143 19.77 -6.09 18.50
N GLY A 144 18.69 -6.22 17.73
CA GLY A 144 17.41 -5.70 18.16
C GLY A 144 16.81 -6.49 19.30
N THR A 145 17.01 -7.80 19.25
CA THR A 145 16.56 -8.69 20.33
C THR A 145 17.35 -8.38 21.60
N ILE A 146 18.64 -8.11 21.43
CA ILE A 146 19.48 -7.74 22.55
C ILE A 146 19.00 -6.41 23.11
N SER A 147 18.57 -5.52 22.21
CA SER A 147 18.10 -4.20 22.64
C SER A 147 16.85 -4.36 23.48
N ALA A 148 15.98 -5.28 23.09
CA ALA A 148 14.77 -5.51 23.85
C ALA A 148 15.14 -6.08 25.21
N ASN A 149 16.09 -7.01 25.22
CA ASN A 149 16.50 -7.68 26.44
C ASN A 149 17.13 -6.73 27.46
N VAL A 150 17.88 -5.74 27.00
CA VAL A 150 18.48 -4.79 27.95
C VAL A 150 17.49 -3.70 28.35
N LEU A 151 16.70 -3.21 27.39
CA LEU A 151 15.75 -2.14 27.67
C LEU A 151 14.61 -2.56 28.61
N GLU A 152 14.20 -3.82 28.53
CA GLU A 152 13.06 -4.28 29.33
C GLU A 152 13.35 -4.25 30.82
N THR A 153 14.64 -4.32 31.19
CA THR A 153 15.02 -4.16 32.59
C THR A 153 15.52 -2.75 32.88
N VAL A 154 16.45 -2.26 32.05
CA VAL A 154 17.10 -0.98 32.31
C VAL A 154 16.13 0.20 32.31
N LEU A 155 15.10 0.15 31.46
CA LEU A 155 14.15 1.26 31.40
C LEU A 155 13.38 1.39 32.72
N ALA A 156 13.31 0.29 33.46
CA ALA A 156 12.67 0.28 34.77
C ALA A 156 13.65 0.61 35.90
N ASP A 157 14.71 -0.20 36.01
CA ASP A 157 15.66 -0.06 37.12
C ASP A 157 16.38 1.27 37.16
N VAL A 158 16.62 1.85 36.00
CA VAL A 158 17.36 3.10 35.91
C VAL A 158 16.44 4.29 35.69
N PHE A 159 15.71 4.26 34.58
CA PHE A 159 14.91 5.41 34.17
C PHE A 159 13.54 5.50 34.82
N GLY A 160 13.18 4.49 35.61
CA GLY A 160 12.02 4.56 36.48
C GLY A 160 10.67 4.29 35.83
N LEU A 161 10.66 3.80 34.60
CA LEU A 161 9.42 3.42 33.95
C LEU A 161 8.83 2.16 34.60
N SER A 162 7.52 2.02 34.53
CA SER A 162 6.84 0.83 35.02
C SER A 162 7.29 -0.36 34.18
N GLY A 163 7.25 -1.56 34.77
CA GLY A 163 7.77 -2.74 34.09
C GLY A 163 7.07 -3.05 32.79
N ARG A 164 5.76 -2.81 32.76
CA ARG A 164 5.01 -2.98 31.51
C ARG A 164 5.43 -1.97 30.46
N SER A 165 5.72 -0.74 30.88
CA SER A 165 6.13 0.30 29.97
C SER A 165 7.50 -0.01 29.40
N ALA A 166 8.39 -0.46 30.28
CA ALA A 166 9.75 -0.79 29.88
C ALA A 166 9.74 -1.98 28.93
N ARG A 167 8.83 -2.91 29.17
CA ARG A 167 8.74 -4.11 28.36
C ARG A 167 8.19 -3.78 26.97
N TRP A 168 7.12 -2.98 26.95
CA TRP A 168 6.47 -2.60 25.70
C TRP A 168 7.41 -1.79 24.82
N VAL A 169 8.07 -0.80 25.42
CA VAL A 169 9.02 0.00 24.68
C VAL A 169 10.18 -0.88 24.20
N ALA A 170 10.60 -1.82 25.04
CA ALA A 170 11.72 -2.68 24.68
C ALA A 170 11.44 -3.53 23.45
N PHE A 171 10.26 -4.14 23.41
CA PHE A 171 9.89 -5.01 22.29
C PHE A 171 9.60 -4.21 21.02
N ALA A 172 8.84 -3.13 21.17
CA ALA A 172 8.48 -2.30 20.02
C ALA A 172 9.75 -1.75 19.38
N VAL A 173 10.61 -1.16 20.20
CA VAL A 173 11.86 -0.59 19.72
C VAL A 173 12.79 -1.67 19.17
N GLY A 174 12.70 -2.86 19.75
CA GLY A 174 13.58 -3.95 19.37
C GLY A 174 13.16 -4.62 18.08
N GLY A 175 11.97 -4.28 17.60
CA GLY A 175 11.47 -4.83 16.35
C GLY A 175 11.85 -4.05 15.09
N HIS A 176 12.72 -3.06 15.22
CA HIS A 176 12.91 -2.07 14.15
C HIS A 176 13.38 -2.63 12.80
N HIS A 177 14.04 -3.78 12.81
CA HIS A 177 14.53 -4.37 11.58
C HIS A 177 13.53 -5.20 10.77
N GLY A 178 12.30 -5.32 11.27
CA GLY A 178 11.27 -5.98 10.48
C GLY A 178 10.16 -6.63 11.29
N PHE A 179 10.52 -7.27 12.39
CA PHE A 179 9.55 -7.93 13.26
C PHE A 179 9.90 -7.69 14.71
N VAL A 180 8.89 -7.43 15.53
CA VAL A 180 9.13 -7.36 16.97
C VAL A 180 9.42 -8.77 17.46
N PRO A 181 10.40 -8.89 18.36
CA PRO A 181 10.88 -10.20 18.83
C PRO A 181 9.78 -10.97 19.56
N SER A 182 9.80 -12.30 19.43
CA SER A 182 8.93 -13.15 20.22
C SER A 182 9.42 -13.18 21.67
N TYR A 183 8.52 -13.51 22.57
CA TYR A 183 8.82 -13.52 24.00
C TYR A 183 9.99 -14.45 24.34
N ASP A 184 10.00 -15.64 23.75
CA ASP A 184 11.06 -16.61 24.00
C ASP A 184 12.42 -16.16 23.48
N GLU A 185 12.43 -15.39 22.39
CA GLU A 185 13.68 -14.92 21.81
C GLU A 185 14.40 -13.97 22.77
N VAL A 186 13.61 -13.20 23.51
CA VAL A 186 14.16 -12.19 24.41
C VAL A 186 14.41 -12.74 25.81
N ARG A 187 13.50 -13.57 26.30
CA ARG A 187 13.52 -13.95 27.70
C ARG A 187 13.86 -15.42 28.00
N ARG A 188 14.30 -16.15 26.98
CA ARG A 188 14.61 -17.57 27.17
C ARG A 188 15.78 -18.04 26.30
N ASP A 189 15.62 -17.91 24.99
CA ASP A 189 16.57 -18.47 24.03
C ASP A 189 17.79 -17.58 23.75
N LEU A 190 17.82 -16.40 24.34
CA LEU A 190 18.94 -15.49 24.15
C LEU A 190 20.15 -15.90 25.00
N ASP A 191 21.28 -16.18 24.34
CA ASP A 191 22.51 -16.52 25.04
C ASP A 191 23.04 -15.31 25.82
N GLN A 192 23.44 -15.53 27.06
CA GLN A 192 24.00 -14.47 27.90
C GLN A 192 25.34 -13.96 27.39
N GLN A 193 26.12 -14.83 26.77
CA GLN A 193 27.41 -14.46 26.22
C GLN A 193 27.27 -13.49 25.05
N ALA A 194 26.16 -13.59 24.33
CA ALA A 194 25.89 -12.68 23.23
C ALA A 194 25.63 -11.26 23.73
N VAL A 195 24.88 -11.16 24.82
CA VAL A 195 24.54 -9.87 25.40
C VAL A 195 25.68 -9.33 26.25
N GLY A 196 26.26 -10.21 27.06
CA GLY A 196 27.29 -9.82 28.00
C GLY A 196 26.63 -9.30 29.27
N TRP A 197 27.44 -9.06 30.29
CA TRP A 197 26.92 -8.56 31.56
C TRP A 197 28.03 -7.85 32.32
N GLY A 198 27.67 -7.21 33.43
CA GLY A 198 28.65 -6.53 34.24
C GLY A 198 29.19 -5.29 33.55
N MSE A 199 30.35 -5.43 32.93
CA MSE A 199 30.98 -4.32 32.23
C MSE A 199 30.15 -3.83 31.05
O MSE A 199 30.03 -2.62 30.82
CB MSE A 199 32.36 -4.75 31.72
CG MSE A 199 33.51 -4.41 32.63
SE MSE A 199 34.45 -2.80 32.04
CE MSE A 199 36.07 -3.02 33.10
N TRP A 200 29.55 -4.76 30.31
CA TRP A 200 28.71 -4.40 29.18
C TRP A 200 27.44 -3.68 29.61
N ASP A 201 26.90 -4.07 30.76
CA ASP A 201 25.74 -3.40 31.33
C ASP A 201 26.08 -1.98 31.75
N ALA A 202 27.28 -1.80 32.29
CA ALA A 202 27.72 -0.48 32.70
C ALA A 202 27.95 0.39 31.48
N ALA A 203 28.45 -0.21 30.41
CA ALA A 203 28.73 0.53 29.18
C ALA A 203 27.42 0.99 28.54
N ARG A 204 26.46 0.08 28.44
CA ARG A 204 25.16 0.43 27.89
C ARG A 204 24.43 1.44 28.77
N GLU A 205 24.66 1.34 30.07
CA GLU A 205 24.07 2.31 30.99
C GLU A 205 24.68 3.69 30.80
N VAL A 206 25.98 3.73 30.49
CA VAL A 206 26.66 4.98 30.22
C VAL A 206 26.17 5.61 28.92
N LEU A 207 26.01 4.79 27.89
CA LEU A 207 25.53 5.27 26.61
C LEU A 207 24.11 5.81 26.73
N LEU A 208 23.28 5.04 27.42
CA LEU A 208 21.88 5.41 27.60
C LEU A 208 21.74 6.67 28.43
N CYS A 209 22.60 6.81 29.44
CA CYS A 209 22.56 7.99 30.30
C CYS A 209 23.03 9.24 29.57
N ARG A 210 24.09 9.12 28.78
CA ARG A 210 24.56 10.26 28.00
C ARG A 210 23.53 10.67 26.96
N LEU A 211 22.83 9.67 26.41
CA LEU A 211 21.74 9.95 25.48
C LEU A 211 20.63 10.72 26.19
N ALA A 212 20.21 10.21 27.34
CA ALA A 212 19.09 10.81 28.06
C ALA A 212 19.41 12.22 28.53
N ASP A 213 20.64 12.43 28.97
CA ASP A 213 21.10 13.75 29.39
C ASP A 213 21.15 14.71 28.22
N ALA A 214 21.53 14.19 27.04
CA ALA A 214 21.57 15.02 25.85
C ALA A 214 20.17 15.49 25.46
N LEU A 215 19.16 14.67 25.77
CA LEU A 215 17.78 15.01 25.45
C LEU A 215 17.05 15.66 26.62
N GLY A 216 17.77 15.84 27.72
CA GLY A 216 17.21 16.53 28.87
C GLY A 216 16.21 15.76 29.70
N LEU A 217 16.28 14.42 29.68
CA LEU A 217 15.33 13.60 30.42
C LEU A 217 15.27 13.87 31.95
N PRO A 218 16.41 13.88 32.65
CA PRO A 218 16.29 14.33 34.04
C PRO A 218 15.88 15.80 34.13
N GLY A 219 15.06 16.15 35.11
CA GLY A 219 14.34 15.18 35.92
C GLY A 219 12.86 15.26 35.57
N SER A 220 12.55 15.00 34.30
CA SER A 220 11.19 15.08 33.79
C SER A 220 10.31 13.92 34.27
N SER A 221 9.00 14.16 34.31
CA SER A 221 8.05 13.13 34.69
C SER A 221 8.05 11.94 33.73
N ARG A 222 7.93 10.74 34.28
CA ARG A 222 7.98 9.51 33.50
C ARG A 222 6.72 9.29 32.66
N PRO A 223 6.89 9.03 31.36
CA PRO A 223 5.82 8.64 30.43
C PRO A 223 5.20 7.29 30.77
N THR A 224 3.92 7.12 30.47
CA THR A 224 3.30 5.80 30.52
C THR A 224 3.16 5.22 29.12
N VAL A 225 3.72 4.04 28.91
CA VAL A 225 3.67 3.39 27.60
C VAL A 225 3.10 1.99 27.76
N GLU A 226 1.84 1.90 28.15
CA GLU A 226 1.21 0.61 28.43
C GLU A 226 0.12 0.25 27.42
N SER A 227 -0.11 1.13 26.45
CA SER A 227 -1.07 0.86 25.39
C SER A 227 -0.44 0.05 24.26
N THR A 228 -0.93 -1.17 24.07
CA THR A 228 -0.36 -2.06 23.06
C THR A 228 -0.37 -1.54 21.60
N PRO A 229 -1.54 -1.11 21.08
CA PRO A 229 -1.53 -0.63 19.70
C PRO A 229 -0.59 0.56 19.44
N ASP A 230 -0.50 1.45 20.42
CA ASP A 230 0.29 2.66 20.28
C ASP A 230 1.78 2.35 20.26
N ALA A 231 2.20 1.45 21.14
CA ALA A 231 3.58 1.00 21.17
C ALA A 231 3.88 0.31 19.85
N PHE A 232 2.89 -0.42 19.36
CA PHE A 232 3.06 -1.17 18.11
C PHE A 232 3.30 -0.28 16.91
N MSE A 233 2.57 0.83 16.77
CA MSE A 233 2.87 1.73 15.64
C MSE A 233 4.10 2.62 15.89
O MSE A 233 4.81 3.05 14.96
CB MSE A 233 1.63 2.55 15.24
CG MSE A 233 1.21 3.61 16.22
SE MSE A 233 2.09 5.32 15.91
CE MSE A 233 0.92 6.40 17.03
N LEU A 234 4.38 2.84 17.17
CA LEU A 234 5.57 3.58 17.57
C LEU A 234 6.81 2.82 17.10
N ALA A 235 6.69 1.50 17.03
CA ALA A 235 7.77 0.71 16.44
C ALA A 235 8.03 1.13 14.99
N GLY A 236 6.95 1.49 14.29
CA GLY A 236 7.08 1.95 12.91
C GLY A 236 7.75 3.30 12.86
N LEU A 237 7.44 4.15 13.84
CA LEU A 237 8.13 5.43 13.92
C LEU A 237 9.63 5.22 14.11
N VAL A 238 9.98 4.25 14.95
CA VAL A 238 11.39 3.98 15.23
C VAL A 238 12.10 3.47 13.97
N SER A 239 11.46 2.58 13.24
CA SER A 239 12.07 2.05 12.02
C SER A 239 12.30 3.17 11.01
N VAL A 240 11.32 4.06 10.86
CA VAL A 240 11.47 5.13 9.88
C VAL A 240 12.58 6.10 10.28
N ALA A 241 12.66 6.39 11.57
CA ALA A 241 13.71 7.28 12.04
C ALA A 241 15.09 6.67 11.81
N ASP A 242 15.17 5.35 11.95
CA ASP A 242 16.43 4.67 11.64
C ASP A 242 16.78 4.73 10.15
N TRP A 243 15.77 4.63 9.29
CA TRP A 243 16.00 4.75 7.85
C TRP A 243 16.52 6.14 7.51
N ILE A 244 15.93 7.16 8.13
CA ILE A 244 16.39 8.52 7.91
C ILE A 244 17.81 8.70 8.42
N GLY A 245 18.14 8.00 9.49
CA GLY A 245 19.47 8.10 10.07
C GLY A 245 20.50 7.29 9.31
N SER A 246 20.05 6.44 8.39
CA SER A 246 20.96 5.60 7.62
C SER A 246 21.39 6.18 6.27
N ASN A 247 20.93 7.39 5.95
CA ASN A 247 21.33 8.04 4.70
C ASN A 247 22.65 8.79 4.85
N GLU A 248 23.73 8.17 4.36
CA GLU A 248 25.08 8.68 4.59
C GLU A 248 25.31 10.06 3.96
N GLU A 249 24.55 10.39 2.92
CA GLU A 249 24.62 11.70 2.30
C GLU A 249 24.22 12.82 3.27
N TYR A 250 23.28 12.51 4.17
CA TYR A 250 22.85 13.48 5.18
C TYR A 250 23.42 13.16 6.55
N PHE A 251 23.92 11.94 6.71
CA PHE A 251 24.52 11.53 7.98
C PHE A 251 25.88 10.87 7.78
N PRO A 252 26.90 11.69 7.48
CA PRO A 252 28.27 11.20 7.27
C PRO A 252 28.84 10.55 8.53
N TYR A 253 29.64 9.50 8.37
CA TYR A 253 30.23 8.83 9.52
C TYR A 253 31.23 9.73 10.26
N ALA A 254 31.14 9.76 11.58
CA ALA A 254 31.94 10.67 12.40
C ALA A 254 33.43 10.34 12.42
N ALA A 255 33.77 9.06 12.27
CA ALA A 255 35.16 8.64 12.32
C ALA A 255 35.73 8.48 10.92
N GLN A 256 36.83 9.17 10.65
CA GLN A 256 37.46 9.16 9.34
C GLN A 256 38.25 7.88 9.05
N SER A 257 38.56 7.13 10.10
CA SER A 257 39.34 5.91 9.94
C SER A 257 39.13 4.94 11.10
N ALA A 258 39.39 3.67 10.84
CA ALA A 258 39.30 2.64 11.88
C ALA A 258 40.34 2.85 12.97
N LEU A 259 41.46 3.48 12.61
CA LEU A 259 42.56 3.67 13.55
C LEU A 259 42.23 4.58 14.73
N GLN A 260 41.36 5.56 14.52
CA GLN A 260 41.14 6.58 15.55
C GLN A 260 39.70 6.70 16.06
N VAL A 261 39.58 6.95 17.35
CA VAL A 261 38.30 7.21 18.01
C VAL A 261 38.05 8.71 18.12
N PRO A 262 36.92 9.19 17.58
CA PRO A 262 36.60 10.62 17.61
C PRO A 262 36.42 11.13 19.05
N GLN A 263 36.83 12.36 19.30
CA GLN A 263 36.60 13.00 20.58
C GLN A 263 35.52 14.07 20.45
N LEU A 264 34.27 13.65 20.59
CA LEU A 264 33.12 14.51 20.32
C LEU A 264 32.40 15.05 21.55
N ASP A 265 31.67 16.15 21.36
CA ASP A 265 30.75 16.65 22.37
C ASP A 265 29.32 16.27 21.96
N ALA A 266 28.62 15.55 22.82
CA ALA A 266 27.32 14.99 22.46
C ALA A 266 26.26 16.04 22.14
N GLU A 267 26.31 17.18 22.83
CA GLU A 267 25.32 18.22 22.60
C GLU A 267 25.48 18.88 21.23
N ALA A 268 26.71 19.29 20.92
CA ALA A 268 26.98 19.95 19.65
C ALA A 268 26.69 18.99 18.50
N TYR A 269 27.06 17.72 18.70
CA TYR A 269 26.75 16.72 17.69
C TYR A 269 25.25 16.53 17.55
N LEU A 270 24.52 16.70 18.65
CA LEU A 270 23.06 16.60 18.57
C LEU A 270 22.49 17.76 17.76
N GLU A 271 23.14 18.91 17.85
CA GLU A 271 22.69 20.07 17.10
C GLU A 271 22.91 19.87 15.60
N ARG A 272 24.12 19.42 15.25
CA ARG A 272 24.40 19.14 13.85
C ARG A 272 23.50 18.03 13.34
N ALA A 273 23.21 17.05 14.19
CA ALA A 273 22.36 15.93 13.83
C ALA A 273 20.95 16.42 13.54
N MSE A 274 20.51 17.42 14.30
CA MSE A 274 19.20 18.01 14.07
C MSE A 274 19.14 18.75 12.74
O MSE A 274 18.14 18.66 12.01
CB MSE A 274 18.81 18.93 15.23
CG MSE A 274 18.28 18.18 16.43
SE MSE A 274 18.02 19.34 17.97
CE MSE A 274 16.92 20.72 17.13
N ARG A 275 20.22 19.45 12.40
CA ARG A 275 20.26 20.13 11.11
C ARG A 275 20.23 19.12 9.96
N GLN A 276 21.01 18.05 10.09
CA GLN A 276 21.06 17.02 9.07
C GLN A 276 19.74 16.29 8.90
N ALA A 277 19.05 16.08 10.01
CA ALA A 277 17.76 15.41 9.97
C ALA A 277 16.74 16.27 9.27
N GLU A 278 16.77 17.57 9.61
CA GLU A 278 15.84 18.50 8.99
C GLU A 278 16.09 18.58 7.48
N ARG A 279 17.36 18.52 7.09
CA ARG A 279 17.69 18.56 5.67
C ARG A 279 17.23 17.30 4.93
N ALA A 280 17.44 16.14 5.55
CA ALA A 280 17.07 14.89 4.90
C ALA A 280 15.57 14.80 4.70
N MSE A 281 14.83 15.08 5.78
CA MSE A 281 13.39 15.04 5.67
C MSE A 281 12.81 16.14 4.79
O MSE A 281 11.75 15.96 4.18
CB MSE A 281 12.75 15.02 7.06
CG MSE A 281 12.82 13.64 7.68
SE MSE A 281 12.02 13.57 9.44
CE MSE A 281 13.13 14.92 10.29
N ALA A 282 13.50 17.27 4.71
CA ALA A 282 13.11 18.30 3.74
C ALA A 282 13.28 17.77 2.33
N SER A 283 14.34 16.98 2.12
CA SER A 283 14.58 16.39 0.81
C SER A 283 13.49 15.40 0.46
N LEU A 284 12.94 14.74 1.49
CA LEU A 284 11.85 13.80 1.24
C LEU A 284 10.50 14.48 0.99
N GLY A 285 10.44 15.78 1.24
CA GLY A 285 9.20 16.53 1.04
C GLY A 285 8.25 16.47 2.21
N TRP A 286 8.74 16.04 3.37
CA TRP A 286 7.90 15.92 4.55
C TRP A 286 7.68 17.27 5.26
N VAL A 287 8.39 18.30 4.83
CA VAL A 287 8.20 19.64 5.37
C VAL A 287 8.07 20.62 4.21
N GLY A 288 7.31 21.69 4.37
CA GLY A 288 6.54 21.94 5.58
C GLY A 288 5.08 22.22 5.25
N TRP A 289 4.23 21.25 5.52
CA TRP A 289 2.81 21.36 5.21
C TRP A 289 2.00 22.01 6.33
N ARG A 290 2.08 23.34 6.41
CA ARG A 290 1.26 24.10 7.34
C ARG A 290 -0.03 24.54 6.64
N PRO A 291 -1.17 24.07 7.15
CA PRO A 291 -2.49 24.31 6.55
C PRO A 291 -2.86 25.78 6.40
N ALA A 292 -2.41 26.61 7.35
CA ALA A 292 -2.71 28.04 7.34
C ALA A 292 -4.21 28.31 7.20
N SER A 293 -4.98 27.93 8.22
CA SER A 293 -6.42 28.17 8.25
C SER A 293 -6.73 29.67 8.24
N GLY A 294 -7.72 30.06 7.44
CA GLY A 294 -8.44 29.18 6.55
C GLY A 294 -9.75 28.64 7.10
N SER A 295 -10.68 28.35 6.20
CA SER A 295 -12.02 27.81 6.49
C SER A 295 -12.83 27.84 5.21
N MSE A 296 -12.47 26.97 4.27
CA MSE A 296 -12.97 27.09 2.89
C MSE A 296 -14.16 26.19 2.54
O MSE A 296 -14.23 25.02 2.95
CB MSE A 296 -11.83 26.87 1.92
CG MSE A 296 -10.63 27.76 2.20
SE MSE A 296 -9.05 27.29 1.18
CE MSE A 296 -9.73 27.64 -0.62
N ARG A 297 -15.09 26.75 1.78
CA ARG A 297 -16.25 26.02 1.27
C ARG A 297 -15.90 25.19 0.05
N LEU A 298 -16.78 24.27 -0.31
CA LEU A 298 -16.51 23.28 -1.37
C LEU A 298 -16.25 23.92 -2.73
N THR A 299 -16.93 25.02 -3.03
CA THR A 299 -16.72 25.71 -4.30
C THR A 299 -15.35 26.38 -4.37
N GLU A 300 -14.81 26.74 -3.21
CA GLU A 300 -13.50 27.39 -3.14
C GLU A 300 -12.36 26.40 -3.37
N LEU A 301 -12.44 25.25 -2.71
CA LEU A 301 -11.43 24.20 -2.85
C LEU A 301 -11.45 23.60 -4.26
N PHE A 302 -12.62 23.62 -4.88
CA PHE A 302 -12.79 23.06 -6.21
C PHE A 302 -13.53 24.04 -7.11
N PRO A 303 -12.81 25.07 -7.59
CA PRO A 303 -13.38 26.15 -8.41
C PRO A 303 -14.02 25.64 -9.70
N TYR A 304 -13.50 24.56 -10.26
CA TYR A 304 -13.99 24.04 -11.54
C TYR A 304 -15.45 23.59 -11.50
N ILE A 305 -15.92 23.12 -10.35
CA ILE A 305 -17.33 22.80 -10.19
C ILE A 305 -18.14 24.09 -10.10
N ARG A 306 -19.37 24.05 -10.62
CA ARG A 306 -20.25 25.21 -10.55
C ARG A 306 -21.29 24.99 -9.45
N GLN A 307 -22.32 24.23 -9.77
CA GLN A 307 -23.31 23.82 -8.79
C GLN A 307 -22.90 22.49 -8.18
N PRO A 308 -22.69 22.46 -6.86
CA PRO A 308 -22.29 21.21 -6.18
C PRO A 308 -23.35 20.11 -6.34
N THR A 309 -22.90 18.88 -6.49
CA THR A 309 -23.79 17.73 -6.56
C THR A 309 -24.35 17.47 -5.16
N THR A 310 -25.52 16.84 -5.09
CA THR A 310 -26.24 16.70 -3.82
C THR A 310 -25.42 15.98 -2.76
N VAL A 311 -24.60 15.01 -3.18
CA VAL A 311 -23.73 14.32 -2.24
C VAL A 311 -22.69 15.27 -1.65
N GLN A 312 -22.15 16.15 -2.50
CA GLN A 312 -21.18 17.14 -2.06
C GLN A 312 -21.81 18.15 -1.11
N ALA A 313 -23.09 18.45 -1.34
CA ALA A 313 -23.80 19.37 -0.48
C ALA A 313 -24.06 18.75 0.88
N ALA A 314 -24.46 17.48 0.89
CA ALA A 314 -24.69 16.77 2.14
C ALA A 314 -23.39 16.60 2.93
N ALA A 315 -22.29 16.41 2.21
CA ALA A 315 -20.98 16.31 2.84
C ALA A 315 -20.54 17.65 3.41
N GLU A 316 -20.85 18.72 2.70
CA GLU A 316 -20.52 20.06 3.17
C GLU A 316 -21.29 20.37 4.43
N GLU A 317 -22.55 19.93 4.47
CA GLU A 317 -23.37 20.10 5.66
C GLU A 317 -22.88 19.24 6.82
N LEU A 318 -22.40 18.04 6.50
CA LEU A 318 -21.85 17.14 7.51
C LEU A 318 -20.54 17.67 8.10
N ALA A 319 -19.80 18.42 7.29
CA ALA A 319 -18.45 18.84 7.63
C ALA A 319 -18.39 19.74 8.86
N GLY A 320 -19.47 20.46 9.14
CA GLY A 320 -19.47 21.43 10.21
C GLY A 320 -19.57 20.83 11.59
N GLU A 321 -19.91 19.54 11.67
CA GLU A 321 -20.09 18.90 12.97
C GLU A 321 -19.30 17.59 13.12
N VAL A 322 -18.43 17.28 12.17
CA VAL A 322 -17.66 16.03 12.23
C VAL A 322 -16.70 16.01 13.42
N LYS A 323 -16.59 14.84 14.04
CA LYS A 323 -15.69 14.65 15.19
C LYS A 323 -14.32 14.16 14.74
N SER A 324 -13.29 14.47 15.53
CA SER A 324 -11.90 14.18 15.16
C SER A 324 -11.60 12.70 14.84
N PRO A 325 -12.04 11.77 15.71
CA PRO A 325 -11.97 10.35 15.30
C PRO A 325 -13.36 9.83 14.87
N SER A 326 -13.51 9.52 13.59
CA SER A 326 -14.81 9.11 13.07
C SER A 326 -14.69 8.32 11.78
N ILE A 327 -15.74 7.55 11.47
CA ILE A 327 -15.83 6.87 10.18
C ILE A 327 -17.04 7.39 9.39
N THR A 328 -16.87 7.54 8.08
CA THR A 328 -17.94 8.04 7.23
C THR A 328 -18.03 7.17 5.99
N ILE A 329 -19.25 6.75 5.65
CA ILE A 329 -19.45 5.95 4.45
C ILE A 329 -20.36 6.69 3.46
N ILE A 330 -19.88 6.84 2.23
CA ILE A 330 -20.60 7.58 1.21
C ILE A 330 -21.05 6.67 0.08
N GLU A 331 -22.37 6.58 -0.09
CA GLU A 331 -22.96 5.76 -1.13
C GLU A 331 -23.77 6.60 -2.11
N ALA A 332 -23.21 6.82 -3.28
CA ALA A 332 -23.89 7.51 -4.37
C ALA A 332 -23.60 6.77 -5.67
N PRO A 333 -24.49 6.90 -6.66
CA PRO A 333 -24.24 6.30 -7.97
C PRO A 333 -22.99 6.88 -8.61
N MSE A 334 -22.26 6.07 -9.36
CA MSE A 334 -21.00 6.48 -9.95
C MSE A 334 -21.16 7.70 -10.85
O MSE A 334 -22.16 7.85 -11.54
CB MSE A 334 -20.38 5.32 -10.73
CG MSE A 334 -21.39 4.47 -11.52
SE MSE A 334 -22.23 3.03 -10.48
CE MSE A 334 -23.55 2.45 -11.80
N GLY A 335 -20.16 8.58 -10.83
CA GLY A 335 -20.22 9.84 -11.55
C GLY A 335 -20.86 10.98 -10.78
N GLU A 336 -21.26 10.72 -9.54
CA GLU A 336 -21.88 11.76 -8.71
C GLU A 336 -20.88 12.65 -7.98
N GLY A 337 -19.59 12.35 -8.10
CA GLY A 337 -18.55 13.17 -7.50
C GLY A 337 -18.33 12.99 -6.01
N LYS A 338 -18.27 11.74 -5.57
CA LYS A 338 -18.04 11.42 -4.16
C LYS A 338 -16.65 11.86 -3.67
N THR A 339 -15.67 11.85 -4.57
CA THR A 339 -14.30 12.15 -4.18
C THR A 339 -14.09 13.58 -3.68
N GLU A 340 -14.78 14.55 -4.29
CA GLU A 340 -14.67 15.93 -3.82
C GLU A 340 -15.25 16.07 -2.42
N ALA A 341 -16.30 15.29 -2.15
CA ALA A 341 -16.93 15.29 -0.83
C ALA A 341 -15.98 14.70 0.19
N ALA A 342 -15.30 13.63 -0.21
CA ALA A 342 -14.37 12.95 0.67
C ALA A 342 -13.20 13.86 1.00
N MSE A 343 -12.66 14.52 -0.02
CA MSE A 343 -11.53 15.42 0.16
C MSE A 343 -11.92 16.65 0.98
O MSE A 343 -11.12 17.19 1.73
CB MSE A 343 -10.94 15.84 -1.18
CG MSE A 343 -10.45 14.67 -2.02
SE MSE A 343 -9.78 15.22 -3.76
CE MSE A 343 -8.09 15.98 -3.18
N LEU A 344 -13.17 17.08 0.83
CA LEU A 344 -13.68 18.19 1.63
C LEU A 344 -13.72 17.78 3.09
N LEU A 345 -14.07 16.52 3.33
CA LEU A 345 -14.12 16.01 4.70
C LEU A 345 -12.72 15.89 5.30
N ALA A 346 -11.78 15.38 4.51
CA ALA A 346 -10.40 15.25 4.95
C ALA A 346 -9.79 16.62 5.22
N ASP A 347 -10.19 17.60 4.42
CA ASP A 347 -9.75 18.97 4.60
C ASP A 347 -10.30 19.54 5.90
N THR A 348 -11.55 19.20 6.21
CA THR A 348 -12.13 19.64 7.46
C THR A 348 -11.39 19.00 8.63
N PHE A 349 -10.96 17.76 8.44
CA PHE A 349 -10.20 17.07 9.48
C PHE A 349 -8.83 17.72 9.71
N SER A 350 -8.18 18.13 8.63
CA SER A 350 -6.84 18.71 8.75
C SER A 350 -6.88 20.13 9.30
N THR A 351 -7.81 20.93 8.78
CA THR A 351 -7.89 22.33 9.18
C THR A 351 -8.51 22.51 10.55
N ALA A 352 -9.60 21.80 10.82
CA ALA A 352 -10.33 21.97 12.07
C ALA A 352 -9.97 20.97 13.16
N HIS A 353 -9.30 19.88 12.79
CA HIS A 353 -9.06 18.83 13.79
C HIS A 353 -7.61 18.34 13.86
N GLY A 354 -6.70 19.10 13.27
CA GLY A 354 -5.27 18.86 13.46
C GLY A 354 -4.72 17.66 12.72
N MSE A 355 -5.48 17.16 11.76
CA MSE A 355 -5.08 15.98 11.01
C MSE A 355 -4.45 16.33 9.66
O MSE A 355 -4.99 16.00 8.61
CB MSE A 355 -6.27 15.05 10.79
CG MSE A 355 -5.89 13.60 10.57
SE MSE A 355 -5.02 12.82 12.13
CE MSE A 355 -6.48 13.01 13.40
N SER A 356 -3.30 16.99 9.70
CA SER A 356 -2.61 17.41 8.49
C SER A 356 -2.04 16.22 7.73
N GLY A 357 -2.74 15.79 6.69
CA GLY A 357 -2.30 14.67 5.88
C GLY A 357 -3.45 13.81 5.39
N CYS A 358 -3.19 13.04 4.33
CA CYS A 358 -4.22 12.19 3.75
C CYS A 358 -3.63 11.13 2.82
N TYR A 359 -4.04 9.88 3.01
CA TYR A 359 -3.71 8.84 2.04
C TYR A 359 -4.94 8.50 1.20
N PHE A 360 -4.78 8.53 -0.12
CA PHE A 360 -5.88 8.25 -1.03
C PHE A 360 -5.79 6.84 -1.60
N ALA A 361 -6.58 5.94 -1.05
CA ALA A 361 -6.50 4.52 -1.39
C ALA A 361 -7.36 4.13 -2.59
N LEU A 362 -6.73 4.09 -3.76
CA LEU A 362 -7.38 3.73 -5.02
C LEU A 362 -7.56 2.22 -5.14
N PRO A 363 -8.56 1.79 -5.95
CA PRO A 363 -8.88 0.37 -6.14
C PRO A 363 -7.74 -0.44 -6.75
N THR A 364 -7.68 -1.72 -6.37
CA THR A 364 -6.59 -2.62 -6.73
C THR A 364 -6.11 -2.54 -8.17
N MSE A 365 -7.01 -2.81 -9.11
CA MSE A 365 -6.65 -2.79 -10.53
C MSE A 365 -6.36 -1.37 -11.00
O MSE A 365 -5.74 -1.18 -12.05
CB MSE A 365 -7.76 -3.40 -11.38
CG MSE A 365 -7.30 -4.40 -12.42
SE MSE A 365 -6.82 -6.11 -11.60
CE MSE A 365 -6.53 -7.15 -13.23
N ALA A 366 -6.85 -0.38 -10.26
CA ALA A 366 -6.65 1.00 -10.68
C ALA A 366 -5.20 1.44 -10.71
N THR A 367 -4.83 2.09 -11.80
CA THR A 367 -3.59 2.84 -11.86
C THR A 367 -3.82 4.09 -11.06
N SER A 368 -2.77 4.58 -10.41
CA SER A 368 -2.91 5.78 -9.59
C SER A 368 -2.95 7.05 -10.44
N ASN A 369 -2.62 6.91 -11.73
CA ASN A 369 -2.24 8.05 -12.57
C ASN A 369 -3.22 9.22 -12.68
N GLN A 370 -4.46 8.98 -13.10
CA GLN A 370 -5.39 10.08 -13.35
C GLN A 370 -5.72 10.85 -12.07
N MSE A 371 -5.69 10.15 -10.94
CA MSE A 371 -6.09 10.73 -9.66
C MSE A 371 -5.18 11.84 -9.08
O MSE A 371 -5.68 12.72 -8.39
CB MSE A 371 -6.28 9.62 -8.62
CG MSE A 371 -7.62 9.68 -7.89
SE MSE A 371 -7.72 11.18 -6.64
CE MSE A 371 -9.65 11.41 -6.59
N PHE A 372 -3.88 11.80 -9.38
CA PHE A 372 -2.92 12.67 -8.69
C PHE A 372 -3.18 14.15 -8.88
N GLY A 373 -3.62 14.53 -10.08
CA GLY A 373 -3.73 15.93 -10.43
C GLY A 373 -4.81 16.62 -9.62
N ARG A 374 -5.85 15.85 -9.30
CA ARG A 374 -6.96 16.37 -8.50
C ARG A 374 -6.45 16.74 -7.12
N VAL A 375 -5.67 15.83 -6.53
CA VAL A 375 -5.11 16.06 -5.21
C VAL A 375 -4.14 17.24 -5.24
N THR A 376 -3.40 17.37 -6.35
CA THR A 376 -2.45 18.47 -6.50
C THR A 376 -3.19 19.81 -6.51
N ASP A 377 -4.29 19.85 -7.27
CA ASP A 377 -5.09 21.06 -7.35
C ASP A 377 -5.71 21.42 -6.01
N TYR A 378 -6.16 20.42 -5.27
CA TYR A 378 -6.69 20.69 -3.94
C TYR A 378 -5.61 21.21 -3.01
N LEU A 379 -4.39 20.69 -3.17
CA LEU A 379 -3.26 21.11 -2.35
C LEU A 379 -2.86 22.56 -2.62
N ARG A 380 -2.98 23.00 -3.86
CA ARG A 380 -2.64 24.39 -4.17
C ARG A 380 -3.58 25.39 -3.52
N HIS A 381 -4.82 24.97 -3.29
CA HIS A 381 -5.83 25.83 -2.69
C HIS A 381 -5.78 25.84 -1.17
N ARG A 382 -4.93 24.99 -0.60
CA ARG A 382 -4.81 24.89 0.85
C ARG A 382 -3.41 25.20 1.36
N TYR A 383 -2.42 25.02 0.49
CA TYR A 383 -1.03 25.18 0.89
C TYR A 383 -0.29 26.11 -0.08
N PRO A 384 0.79 26.75 0.40
CA PRO A 384 1.65 27.58 -0.45
C PRO A 384 2.31 26.74 -1.53
N GLU A 385 2.57 27.34 -2.69
CA GLU A 385 2.98 26.59 -3.89
C GLU A 385 4.22 25.70 -3.75
N ASP A 386 4.70 25.53 -2.52
CA ASP A 386 5.78 24.59 -2.23
C ASP A 386 5.30 23.18 -2.56
N VAL A 387 3.98 23.03 -2.63
CA VAL A 387 3.33 21.81 -3.09
C VAL A 387 3.95 21.35 -4.40
N VAL A 388 4.20 22.30 -5.30
CA VAL A 388 4.73 21.98 -6.61
C VAL A 388 6.10 21.32 -6.50
N VAL A 389 6.86 21.71 -5.49
CA VAL A 389 8.19 21.15 -5.29
C VAL A 389 8.17 19.77 -4.62
N VAL A 390 7.04 19.40 -4.03
CA VAL A 390 6.99 18.18 -3.22
C VAL A 390 6.17 17.04 -3.82
N ASN A 391 4.85 17.16 -3.74
CA ASN A 391 3.97 16.03 -4.00
C ASN A 391 4.14 15.44 -5.39
N LEU A 392 4.48 16.31 -6.34
CA LEU A 392 4.58 15.93 -7.73
C LEU A 392 5.61 14.82 -7.91
N VAL A 393 6.58 14.77 -7.00
CA VAL A 393 7.53 13.67 -7.00
C VAL A 393 7.18 12.62 -5.95
N HIS A 394 6.68 13.06 -4.80
CA HIS A 394 6.69 12.19 -3.62
C HIS A 394 5.40 11.48 -3.23
N GLY A 395 4.25 12.06 -3.56
CA GLY A 395 2.98 11.46 -3.19
C GLY A 395 2.60 10.33 -4.13
N HIS A 396 3.34 10.22 -5.23
CA HIS A 396 3.07 9.22 -6.26
C HIS A 396 3.52 7.81 -5.90
N SER A 397 2.82 6.82 -6.44
CA SER A 397 3.21 5.42 -6.29
C SER A 397 3.30 4.77 -7.66
N ASP A 398 2.84 5.49 -8.68
CA ASP A 398 2.89 5.02 -10.05
C ASP A 398 4.34 4.94 -10.53
N LEU A 399 4.60 3.95 -11.39
CA LEU A 399 5.96 3.72 -11.90
C LEU A 399 6.48 4.89 -12.75
N SER A 400 5.59 5.61 -13.42
CA SER A 400 6.01 6.70 -14.30
C SER A 400 6.74 7.82 -13.55
N ALA A 401 6.26 8.12 -12.35
CA ALA A 401 6.92 9.11 -11.52
C ALA A 401 8.31 8.65 -11.13
N LEU A 402 8.46 7.34 -10.89
CA LEU A 402 9.76 6.78 -10.57
C LEU A 402 10.70 6.88 -11.77
N LEU A 403 10.16 6.65 -12.96
CA LEU A 403 10.97 6.70 -14.17
C LEU A 403 11.48 8.11 -14.41
N GLN A 404 10.57 9.07 -14.36
CA GLN A 404 10.95 10.45 -14.57
C GLN A 404 11.89 10.95 -13.47
N GLU A 405 11.69 10.47 -12.25
CA GLU A 405 12.56 10.84 -11.14
C GLU A 405 13.97 10.26 -11.34
N LEU A 406 14.05 9.10 -11.99
CA LEU A 406 15.34 8.49 -12.29
C LEU A 406 16.05 9.23 -13.41
N ARG A 407 15.30 9.64 -14.42
CA ARG A 407 15.86 10.42 -15.52
C ARG A 407 16.29 11.82 -15.11
N GLN A 408 15.68 12.33 -14.04
CA GLN A 408 15.91 13.70 -13.60
C GLN A 408 17.11 13.81 -12.65
N LYS A 409 18.23 14.32 -13.17
CA LYS A 409 19.40 14.59 -12.35
C LYS A 409 19.08 15.70 -11.35
N GLY A 410 19.65 15.62 -10.14
CA GLY A 410 20.61 14.60 -9.77
C GLY A 410 20.01 13.40 -9.04
N GLU A 411 20.73 12.93 -8.02
CA GLU A 411 20.37 11.70 -7.31
C GLU A 411 19.18 11.91 -6.38
N GLU A 412 17.99 12.05 -6.96
CA GLU A 412 16.78 12.34 -6.20
C GLU A 412 16.26 11.18 -5.33
N ILE A 413 16.70 9.95 -5.63
CA ILE A 413 16.24 8.80 -4.87
C ILE A 413 16.96 8.66 -3.52
N PHE A 414 16.19 8.70 -2.43
CA PHE A 414 16.76 8.61 -1.09
C PHE A 414 17.44 7.27 -0.96
N GLN A 415 18.65 7.25 -0.43
CA GLN A 415 19.43 6.01 -0.41
C GLN A 415 19.99 5.67 0.96
N LEU A 416 19.99 4.38 1.27
CA LEU A 416 20.37 3.89 2.57
C LEU A 416 21.65 3.08 2.51
N GLN A 417 22.37 3.04 3.62
CA GLN A 417 23.51 2.16 3.76
C GLN A 417 23.67 1.78 5.22
N GLY A 418 24.26 0.60 5.47
CA GLY A 418 24.52 0.18 6.82
C GLY A 418 23.28 -0.15 7.62
N VAL A 419 22.28 -0.73 6.97
CA VAL A 419 21.12 -1.24 7.70
C VAL A 419 21.37 -2.71 8.04
N TYR A 420 21.68 -2.98 9.30
CA TYR A 420 22.17 -4.28 9.71
C TYR A 420 21.04 -5.27 10.02
N ASP A 421 20.25 -5.60 9.00
CA ASP A 421 19.18 -6.58 9.17
C ASP A 421 19.79 -7.95 9.46
N GLU A 422 19.26 -8.61 10.48
CA GLU A 422 19.84 -9.86 10.97
C GLU A 422 19.74 -11.03 10.01
N ALA A 423 18.67 -11.07 9.22
CA ALA A 423 18.40 -12.23 8.39
C ALA A 423 18.52 -11.94 6.89
N LEU A 424 19.48 -11.10 6.56
CA LEU A 424 19.94 -10.91 5.20
C LEU A 424 21.45 -11.07 5.24
N GLY A 425 22.05 -11.36 4.09
CA GLY A 425 23.45 -11.74 4.07
C GLY A 425 24.39 -10.67 4.59
N ASP A 426 24.05 -9.41 4.37
CA ASP A 426 24.88 -8.31 4.83
C ASP A 426 24.10 -7.01 4.94
N GLU A 427 24.72 -6.02 5.57
CA GLU A 427 24.08 -4.75 5.85
C GLU A 427 23.73 -3.91 4.62
N GLN A 428 24.50 -4.05 3.55
CA GLN A 428 24.13 -3.35 2.33
C GLN A 428 22.87 -3.96 1.68
N LEU A 429 22.70 -5.26 1.84
CA LEU A 429 21.50 -5.96 1.38
C LEU A 429 20.30 -5.51 2.21
N GLY A 430 20.54 -5.28 3.50
CA GLY A 430 19.51 -4.81 4.40
C GLY A 430 19.12 -3.40 4.06
N ALA A 431 20.13 -2.62 3.67
CA ALA A 431 19.91 -1.25 3.21
C ALA A 431 19.10 -1.24 1.92
N VAL A 432 19.31 -2.24 1.06
CA VAL A 432 18.56 -2.32 -0.18
C VAL A 432 17.09 -2.60 0.12
N VAL A 433 16.86 -3.63 0.92
CA VAL A 433 15.50 -4.03 1.22
C VAL A 433 14.75 -2.89 1.94
N ALA A 434 15.46 -2.20 2.83
CA ALA A 434 14.88 -1.05 3.51
C ALA A 434 14.65 0.14 2.57
N GLY A 435 15.47 0.25 1.54
CA GLY A 435 15.40 1.36 0.59
C GLY A 435 14.31 1.17 -0.45
N GLN A 436 13.77 -0.05 -0.50
CA GLN A 436 12.61 -0.31 -1.33
C GLN A 436 11.44 0.58 -0.89
N TRP A 437 11.46 1.00 0.37
CA TRP A 437 10.47 1.91 0.91
C TRP A 437 10.56 3.29 0.28
N PHE A 438 11.69 3.57 -0.35
CA PHE A 438 11.84 4.81 -1.09
C PHE A 438 11.84 4.58 -2.58
N THR A 439 11.85 3.32 -3.00
CA THR A 439 11.76 3.02 -4.43
C THR A 439 10.40 2.46 -4.91
N ARG A 440 9.86 1.48 -4.20
CA ARG A 440 8.62 0.81 -4.59
C ARG A 440 7.37 1.64 -4.28
N GLY A 441 6.20 1.16 -4.72
CA GLY A 441 4.95 1.90 -4.60
C GLY A 441 4.52 2.23 -3.18
N LYS A 442 4.94 1.41 -2.22
CA LYS A 442 4.62 1.64 -0.82
C LYS A 442 5.22 2.95 -0.32
N ARG A 443 6.14 3.52 -1.10
CA ARG A 443 6.73 4.81 -0.77
C ARG A 443 5.64 5.88 -0.60
N ALA A 444 4.54 5.70 -1.32
CA ALA A 444 3.43 6.66 -1.26
C ALA A 444 2.84 6.76 0.15
N LEU A 445 3.03 5.72 0.94
CA LEU A 445 2.59 5.75 2.34
C LEU A 445 3.32 6.82 3.16
N LEU A 446 4.61 6.99 2.91
CA LEU A 446 5.44 7.87 3.75
C LEU A 446 5.10 9.38 3.85
N PRO A 447 4.89 10.05 2.70
CA PRO A 447 4.61 11.50 2.70
C PRO A 447 3.27 11.84 3.36
N PRO A 448 3.12 13.06 3.90
CA PRO A 448 1.86 13.47 4.51
C PRO A 448 0.69 13.37 3.54
N TYR A 449 0.94 13.62 2.27
CA TYR A 449 -0.06 13.37 1.25
C TYR A 449 0.47 12.34 0.26
N GLY A 450 -0.32 11.32 0.00
CA GLY A 450 0.09 10.25 -0.88
C GLY A 450 -1.09 9.62 -1.57
N VAL A 451 -0.85 9.15 -2.79
CA VAL A 451 -1.88 8.47 -3.57
C VAL A 451 -1.34 7.12 -4.03
N GLY A 452 -2.09 6.06 -3.74
CA GLY A 452 -1.66 4.73 -4.09
C GLY A 452 -2.78 3.72 -4.02
N THR A 453 -2.43 2.45 -4.19
CA THR A 453 -3.40 1.36 -4.15
C THR A 453 -3.87 1.05 -2.72
N VAL A 454 -5.10 0.57 -2.60
CA VAL A 454 -5.67 0.22 -1.31
C VAL A 454 -4.92 -0.95 -0.68
N ASP A 455 -4.24 -1.73 -1.52
CA ASP A 455 -3.47 -2.87 -1.06
C ASP A 455 -2.36 -2.44 -0.11
N GLN A 456 -1.78 -1.27 -0.37
CA GLN A 456 -0.70 -0.77 0.47
C GLN A 456 -1.18 -0.52 1.88
N ALA A 457 -2.44 -0.12 2.01
CA ALA A 457 -3.03 0.13 3.30
C ALA A 457 -3.46 -1.19 3.95
N LEU A 458 -3.98 -2.08 3.12
CA LEU A 458 -4.48 -3.38 3.59
C LEU A 458 -3.35 -4.26 4.12
N LEU A 459 -2.14 -4.04 3.62
CA LEU A 459 -0.98 -4.81 4.08
C LEU A 459 -0.66 -4.55 5.55
N ALA A 460 -1.17 -3.44 6.08
CA ALA A 460 -0.94 -3.06 7.47
C ALA A 460 -1.52 -4.05 8.48
N VAL A 461 -2.47 -4.88 8.05
CA VAL A 461 -3.00 -5.93 8.94
C VAL A 461 -2.52 -7.36 8.62
N LEU A 462 -1.70 -7.50 7.58
CA LEU A 462 -1.07 -8.79 7.28
C LEU A 462 0.16 -9.04 8.16
N GLN A 463 0.51 -10.30 8.38
CA GLN A 463 1.72 -10.59 9.14
C GLN A 463 2.96 -10.50 8.26
N VAL A 464 3.24 -9.28 7.78
CA VAL A 464 4.39 -9.04 6.91
C VAL A 464 5.45 -8.20 7.62
N LYS A 465 6.62 -8.13 7.01
CA LYS A 465 7.71 -7.33 7.57
C LYS A 465 7.37 -5.85 7.63
N HIS A 466 7.70 -5.21 8.74
CA HIS A 466 7.45 -3.77 8.96
C HIS A 466 5.98 -3.34 8.82
N VAL A 467 5.03 -4.15 9.29
CA VAL A 467 3.62 -3.75 9.21
C VAL A 467 3.37 -2.50 10.01
N PHE A 468 4.08 -2.41 11.13
CA PHE A 468 3.92 -1.30 12.04
C PHE A 468 4.34 0.00 11.39
N VAL A 469 5.25 -0.08 10.42
CA VAL A 469 5.60 1.09 9.63
C VAL A 469 4.38 1.58 8.84
N ARG A 470 3.59 0.64 8.33
CA ARG A 470 2.39 1.01 7.60
C ARG A 470 1.33 1.58 8.54
N LEU A 471 1.20 0.99 9.73
CA LEU A 471 0.28 1.50 10.74
C LEU A 471 0.64 2.91 11.17
N PHE A 472 1.94 3.16 11.27
CA PHE A 472 2.43 4.47 11.69
C PHE A 472 2.24 5.50 10.58
N ALA A 473 2.53 5.11 9.34
CA ALA A 473 2.37 6.01 8.21
C ALA A 473 0.90 6.40 8.04
N LEU A 474 0.01 5.44 8.25
CA LEU A 474 -1.43 5.72 8.21
C LEU A 474 -1.92 6.51 9.43
N SER A 475 -1.19 6.38 10.55
CA SER A 475 -1.63 6.98 11.81
C SER A 475 -1.69 8.50 11.80
N THR A 476 -0.88 9.13 10.94
CA THR A 476 -0.83 10.59 10.86
C THR A 476 -1.80 11.21 9.85
N LYS A 477 -2.47 10.37 9.06
CA LYS A 477 -3.34 10.86 7.99
C LYS A 477 -4.80 10.52 8.24
N THR A 478 -5.69 11.30 7.62
CA THR A 478 -7.03 10.81 7.36
C THR A 478 -6.95 9.85 6.16
N VAL A 479 -7.78 8.82 6.15
CA VAL A 479 -7.70 7.81 5.10
C VAL A 479 -8.97 7.77 4.24
N ILE A 480 -8.80 7.91 2.93
CA ILE A 480 -9.92 7.83 2.00
C ILE A 480 -9.82 6.56 1.17
N VAL A 481 -10.75 5.65 1.36
CA VAL A 481 -10.79 4.42 0.56
C VAL A 481 -11.73 4.61 -0.63
N ASP A 482 -11.15 4.84 -1.80
CA ASP A 482 -11.90 4.98 -3.05
C ASP A 482 -12.51 3.67 -3.56
N GLU A 483 -13.75 3.75 -4.05
CA GLU A 483 -14.39 2.67 -4.81
C GLU A 483 -14.47 1.28 -4.15
N VAL A 484 -14.93 1.22 -2.90
CA VAL A 484 -15.14 -0.07 -2.23
C VAL A 484 -16.27 -0.87 -2.88
N HIS A 485 -16.04 -2.16 -3.09
CA HIS A 485 -17.05 -3.03 -3.70
C HIS A 485 -17.65 -4.01 -2.69
N ALA A 486 -18.93 -4.32 -2.87
CA ALA A 486 -19.63 -5.22 -1.97
C ALA A 486 -19.01 -6.61 -1.96
N TYR A 487 -18.52 -7.04 -3.13
CA TYR A 487 -17.93 -8.36 -3.29
C TYR A 487 -16.68 -8.53 -2.43
N ASP A 488 -15.88 -7.47 -2.32
CA ASP A 488 -14.62 -7.55 -1.60
C ASP A 488 -14.84 -7.60 -0.09
N VAL A 489 -15.77 -6.78 0.38
CA VAL A 489 -16.08 -6.74 1.81
C VAL A 489 -16.92 -7.94 2.23
N TYR A 490 -17.50 -8.64 1.25
CA TYR A 490 -18.16 -9.90 1.52
C TYR A 490 -17.16 -11.06 1.58
N MSE A 491 -16.23 -11.09 0.64
CA MSE A 491 -15.29 -12.22 0.53
C MSE A 491 -14.05 -12.15 1.43
O MSE A 491 -13.35 -13.14 1.58
CB MSE A 491 -14.88 -12.43 -0.93
CG MSE A 491 -16.02 -12.85 -1.84
SE MSE A 491 -16.62 -14.68 -1.52
CE MSE A 491 -14.95 -15.61 -1.86
N THR A 492 -13.77 -10.98 2.01
CA THR A 492 -12.58 -10.81 2.84
C THR A 492 -12.86 -9.94 4.05
N THR A 493 -11.97 -10.00 5.04
CA THR A 493 -12.09 -9.20 6.25
C THR A 493 -10.99 -8.16 6.38
N LEU A 494 -10.21 -7.98 5.32
CA LEU A 494 -9.05 -7.08 5.36
C LEU A 494 -9.45 -5.66 5.75
N LEU A 495 -10.49 -5.15 5.10
CA LEU A 495 -10.95 -3.79 5.38
C LEU A 495 -11.49 -3.65 6.79
N HIS A 496 -12.12 -4.71 7.30
CA HIS A 496 -12.67 -4.67 8.65
C HIS A 496 -11.56 -4.55 9.68
N ARG A 497 -10.52 -5.37 9.51
CA ARG A 497 -9.41 -5.40 10.44
C ARG A 497 -8.64 -4.09 10.39
N LEU A 498 -8.45 -3.59 9.18
CA LEU A 498 -7.74 -2.31 9.01
C LEU A 498 -8.55 -1.22 9.68
N LEU A 499 -9.87 -1.31 9.57
CA LEU A 499 -10.73 -0.32 10.21
C LEU A 499 -10.65 -0.40 11.74
N GLU A 500 -10.43 -1.61 12.27
CA GLU A 500 -10.28 -1.75 13.71
C GLU A 500 -9.02 -1.04 14.16
N TRP A 501 -7.92 -1.31 13.46
CA TRP A 501 -6.65 -0.69 13.82
C TRP A 501 -6.67 0.83 13.63
N LEU A 502 -7.35 1.29 12.59
CA LEU A 502 -7.50 2.71 12.35
C LEU A 502 -8.33 3.37 13.43
N GLY A 503 -9.31 2.62 13.95
CA GLY A 503 -10.14 3.12 15.03
C GLY A 503 -9.37 3.24 16.32
N ALA A 504 -8.46 2.28 16.56
CA ALA A 504 -7.61 2.36 17.74
C ALA A 504 -6.63 3.52 17.70
N LEU A 505 -6.23 3.91 16.50
CA LEU A 505 -5.24 4.96 16.34
C LEU A 505 -5.88 6.31 16.03
N SER A 506 -7.20 6.38 16.21
CA SER A 506 -7.98 7.61 16.02
C SER A 506 -7.80 8.24 14.64
N VAL A 507 -7.75 7.40 13.61
CA VAL A 507 -7.61 7.88 12.25
C VAL A 507 -8.99 8.09 11.62
N PRO A 508 -9.27 9.32 11.18
CA PRO A 508 -10.53 9.58 10.48
C PRO A 508 -10.54 8.79 9.18
N VAL A 509 -11.69 8.27 8.78
CA VAL A 509 -11.77 7.48 7.55
C VAL A 509 -13.03 7.84 6.75
N VAL A 510 -12.85 7.98 5.45
CA VAL A 510 -13.97 8.13 4.53
C VAL A 510 -13.92 7.01 3.51
N VAL A 511 -14.95 6.18 3.51
CA VAL A 511 -15.09 5.09 2.56
C VAL A 511 -16.07 5.49 1.47
N LEU A 512 -15.67 5.31 0.21
CA LEU A 512 -16.54 5.65 -0.91
C LEU A 512 -17.01 4.38 -1.61
N SER A 513 -18.29 4.34 -1.98
CA SER A 513 -18.82 3.20 -2.70
C SER A 513 -20.06 3.55 -3.52
N ALA A 514 -20.28 2.82 -4.60
CA ALA A 514 -21.49 2.98 -5.40
C ALA A 514 -22.71 2.53 -4.61
N THR A 515 -22.53 1.45 -3.83
CA THR A 515 -23.57 0.93 -2.95
C THR A 515 -23.02 -0.22 -2.10
N LEU A 516 -23.43 -0.25 -0.84
CA LEU A 516 -23.04 -1.34 0.04
C LEU A 516 -24.30 -1.92 0.68
N PRO A 517 -24.38 -3.25 0.76
CA PRO A 517 -25.50 -3.87 1.48
C PRO A 517 -25.41 -3.47 2.95
N SER A 518 -26.55 -3.32 3.61
CA SER A 518 -26.59 -2.75 4.95
C SER A 518 -25.75 -3.56 5.94
N ALA A 519 -25.68 -4.87 5.73
CA ALA A 519 -24.88 -5.73 6.59
C ALA A 519 -23.40 -5.37 6.53
N ARG A 520 -22.95 -4.95 5.35
CA ARG A 520 -21.56 -4.55 5.16
C ARG A 520 -21.28 -3.24 5.88
N ARG A 521 -22.20 -2.29 5.74
CA ARG A 521 -22.05 -1.00 6.40
C ARG A 521 -22.00 -1.21 7.90
N ARG A 522 -22.85 -2.11 8.39
CA ARG A 522 -22.92 -2.39 9.80
C ARG A 522 -21.63 -3.02 10.32
N GLU A 523 -21.14 -4.05 9.63
CA GLU A 523 -19.93 -4.70 10.10
C GLU A 523 -18.69 -3.81 10.01
N LEU A 524 -18.64 -2.92 9.01
CA LEU A 524 -17.53 -1.98 8.88
C LEU A 524 -17.54 -0.92 9.97
N VAL A 525 -18.71 -0.32 10.19
CA VAL A 525 -18.85 0.69 11.23
C VAL A 525 -18.61 0.09 12.61
N LYS A 526 -19.07 -1.15 12.80
CA LYS A 526 -18.83 -1.87 14.05
C LYS A 526 -17.35 -2.20 14.22
N ALA A 527 -16.64 -2.41 13.13
CA ALA A 527 -15.21 -2.69 13.21
C ALA A 527 -14.45 -1.44 13.65
N TYR A 528 -14.76 -0.32 13.03
CA TYR A 528 -14.11 0.93 13.41
C TYR A 528 -14.45 1.30 14.85
N ALA A 529 -15.71 1.10 15.23
CA ALA A 529 -16.15 1.40 16.59
C ALA A 529 -15.48 0.49 17.61
N ARG A 530 -15.30 -0.76 17.22
CA ARG A 530 -14.68 -1.75 18.08
C ARG A 530 -13.22 -1.38 18.31
N GLY A 531 -12.59 -0.81 17.28
CA GLY A 531 -11.22 -0.35 17.43
C GLY A 531 -11.11 0.92 18.25
N ALA A 532 -12.10 1.80 18.12
CA ALA A 532 -12.07 3.09 18.80
C ALA A 532 -12.46 2.98 20.27
N GLY A 533 -13.00 1.83 20.64
CA GLY A 533 -13.41 1.59 22.02
C GLY A 533 -14.75 2.20 22.39
N TRP A 534 -15.48 2.67 21.37
CA TRP A 534 -16.79 3.26 21.61
C TRP A 534 -17.71 2.22 22.23
N GLN A 535 -17.93 2.34 23.54
CA GLN A 535 -18.75 1.37 24.26
C GLN A 535 -20.23 1.61 24.02
N ALA A 536 -20.56 2.75 23.43
CA ALA A 536 -21.95 3.04 23.07
C ALA A 536 -22.40 2.02 22.03
N GLU A 537 -23.60 1.49 22.23
CA GLU A 537 -24.08 0.37 21.42
C GLU A 537 -25.31 0.71 20.59
N ARG A 538 -25.75 1.97 20.63
CA ARG A 538 -27.02 2.34 20.00
C ARG A 538 -26.99 2.24 18.47
N ASP A 539 -28.16 1.93 17.90
CA ASP A 539 -28.29 1.48 16.52
C ASP A 539 -27.99 2.49 15.42
N LEU A 540 -27.58 1.95 14.28
CA LEU A 540 -27.40 2.72 13.03
C LEU A 540 -28.75 3.17 12.47
N PRO A 541 -28.87 4.46 12.14
CA PRO A 541 -30.11 5.00 11.58
C PRO A 541 -30.23 4.75 10.08
N PRO A 542 -31.26 3.97 9.69
CA PRO A 542 -31.53 3.66 8.28
C PRO A 542 -31.86 4.91 7.48
N ALA A 543 -31.47 4.93 6.21
CA ALA A 543 -31.76 6.06 5.34
C ALA A 543 -31.85 5.61 3.89
N GLY A 544 -32.61 6.34 3.08
CA GLY A 544 -32.79 5.99 1.68
C GLY A 544 -31.54 6.20 0.84
N TYR A 545 -31.39 5.38 -0.18
CA TYR A 545 -30.28 5.51 -1.13
C TYR A 545 -30.56 6.64 -2.11
N PRO A 546 -29.52 7.41 -2.49
CA PRO A 546 -28.14 7.49 -1.99
C PRO A 546 -28.04 8.05 -0.58
N ARG A 547 -26.97 7.70 0.15
CA ARG A 547 -26.88 8.12 1.55
C ARG A 547 -25.45 8.30 2.05
N ILE A 548 -25.32 9.02 3.16
CA ILE A 548 -24.06 9.16 3.88
C ILE A 548 -24.24 8.66 5.31
N THR A 549 -23.72 7.47 5.60
CA THR A 549 -23.64 7.00 6.98
C THR A 549 -22.46 7.70 7.65
N TYR A 550 -22.59 7.96 8.95
CA TYR A 550 -21.51 8.60 9.70
C TYR A 550 -21.55 8.14 11.16
N ALA A 551 -20.37 8.01 11.77
CA ALA A 551 -20.32 7.56 13.15
C ALA A 551 -19.17 8.19 13.91
N ALA A 552 -19.45 8.61 15.14
CA ALA A 552 -18.45 9.16 16.04
C ALA A 552 -18.78 8.66 17.45
N ALA A 553 -18.08 9.17 18.45
CA ALA A 553 -18.30 8.76 19.83
C ALA A 553 -19.76 8.90 20.25
N GLU A 554 -20.18 10.14 20.46
CA GLU A 554 -21.55 10.42 20.90
C GLU A 554 -22.53 10.50 19.73
N ASP A 555 -21.99 10.50 18.50
CA ASP A 555 -22.82 10.78 17.33
C ASP A 555 -22.85 9.62 16.34
N VAL A 556 -24.05 9.29 15.87
CA VAL A 556 -24.25 8.28 14.83
C VAL A 556 -25.38 8.74 13.90
N ARG A 557 -25.03 9.10 12.67
CA ARG A 557 -26.00 9.63 11.71
C ARG A 557 -26.14 8.78 10.45
N GLY A 558 -27.29 8.92 9.79
CA GLY A 558 -27.54 8.29 8.51
C GLY A 558 -28.33 9.24 7.64
N ILE A 559 -27.65 9.92 6.72
CA ILE A 559 -28.24 11.01 5.96
C ILE A 559 -28.60 10.68 4.52
N HIS A 560 -29.90 10.58 4.23
CA HIS A 560 -30.34 10.44 2.85
C HIS A 560 -30.26 11.77 2.09
N PHE A 561 -30.01 11.70 0.79
CA PHE A 561 -30.05 12.87 -0.07
C PHE A 561 -30.55 12.47 -1.46
N ALA A 562 -31.16 13.42 -2.16
CA ALA A 562 -31.73 13.13 -3.48
C ALA A 562 -30.66 12.91 -4.54
N PRO A 563 -30.85 11.89 -5.38
CA PRO A 563 -29.99 11.63 -6.54
C PRO A 563 -30.08 12.76 -7.57
N SER A 564 -28.99 13.03 -8.28
CA SER A 564 -29.00 14.00 -9.36
C SER A 564 -29.92 13.54 -10.48
N GLU A 565 -30.57 14.49 -11.15
CA GLU A 565 -31.53 14.16 -12.20
C GLU A 565 -30.88 13.40 -13.35
N ALA A 566 -29.60 13.65 -13.56
CA ALA A 566 -28.84 12.95 -14.60
C ALA A 566 -28.67 11.47 -14.28
N SER A 567 -28.69 11.13 -12.99
CA SER A 567 -28.52 9.75 -12.55
C SER A 567 -29.79 8.93 -12.81
N ARG A 568 -30.89 9.62 -13.09
CA ARG A 568 -32.16 8.95 -13.34
C ARG A 568 -32.26 8.53 -14.81
N ARG A 569 -31.89 7.29 -15.09
CA ARG A 569 -31.90 6.76 -16.44
C ARG A 569 -32.48 5.35 -16.43
N LYS A 570 -32.99 4.92 -17.58
CA LYS A 570 -33.29 3.51 -17.79
C LYS A 570 -32.20 2.91 -18.67
N VAL A 571 -31.62 1.80 -18.23
CA VAL A 571 -30.60 1.12 -19.03
C VAL A 571 -31.15 -0.19 -19.57
N ALA A 572 -31.25 -0.29 -20.89
CA ALA A 572 -31.71 -1.53 -21.51
C ALA A 572 -30.69 -2.63 -21.25
N LEU A 573 -31.17 -3.81 -20.90
CA LEU A 573 -30.31 -4.94 -20.63
C LEU A 573 -30.49 -5.96 -21.75
N ARG A 574 -29.38 -6.50 -22.26
CA ARG A 574 -29.46 -7.50 -23.31
C ARG A 574 -28.45 -8.61 -23.10
N TRP A 575 -28.87 -9.85 -23.37
CA TRP A 575 -27.99 -11.00 -23.24
C TRP A 575 -27.53 -11.48 -24.61
N VAL A 576 -26.25 -11.83 -24.71
CA VAL A 576 -25.74 -12.52 -25.89
C VAL A 576 -25.27 -13.91 -25.49
N SER A 577 -26.00 -14.93 -25.94
CA SER A 577 -25.77 -16.31 -25.53
C SER A 577 -24.62 -16.99 -26.27
N ALA A 578 -24.26 -18.18 -25.80
CA ALA A 578 -23.16 -18.95 -26.37
C ALA A 578 -23.28 -19.22 -27.87
N PRO A 579 -24.47 -19.65 -28.35
CA PRO A 579 -24.61 -19.73 -29.81
C PRO A 579 -24.39 -18.40 -30.51
N GLU A 580 -24.78 -17.30 -29.84
CA GLU A 580 -24.59 -15.96 -30.40
C GLU A 580 -23.18 -15.41 -30.17
N HIS A 581 -22.36 -16.12 -29.41
CA HIS A 581 -21.09 -15.55 -28.94
C HIS A 581 -20.09 -15.21 -30.06
N GLU A 582 -20.14 -15.91 -31.17
CA GLU A 582 -19.34 -15.48 -32.33
C GLU A 582 -20.20 -14.74 -33.35
N ALA A 583 -21.49 -14.60 -33.05
CA ALA A 583 -22.33 -13.65 -33.73
C ALA A 583 -22.18 -12.30 -33.03
N LEU A 584 -21.44 -12.30 -31.94
CA LEU A 584 -21.20 -11.09 -31.15
C LEU A 584 -20.49 -10.05 -32.01
N GLY A 585 -19.64 -10.51 -32.91
CA GLY A 585 -18.98 -9.62 -33.84
C GLY A 585 -19.99 -9.05 -34.81
N GLN A 586 -20.94 -9.90 -35.19
CA GLN A 586 -22.01 -9.47 -36.09
C GLN A 586 -22.98 -8.52 -35.40
N LEU A 587 -23.32 -8.82 -34.15
CA LEU A 587 -24.21 -7.96 -33.36
C LEU A 587 -23.55 -6.60 -33.14
N LEU A 588 -22.24 -6.61 -32.93
CA LEU A 588 -21.47 -5.39 -32.80
C LEU A 588 -21.48 -4.64 -34.12
N ALA A 589 -21.41 -5.38 -35.21
CA ALA A 589 -21.37 -4.77 -36.54
C ALA A 589 -22.66 -4.04 -36.87
N GLU A 590 -23.81 -4.66 -36.57
CA GLU A 590 -25.09 -4.00 -36.78
C GLU A 590 -25.29 -2.85 -35.81
N ALA A 591 -24.88 -3.03 -34.55
CA ALA A 591 -25.01 -1.97 -33.56
C ALA A 591 -24.13 -0.77 -33.86
N LEU A 592 -22.98 -1.01 -34.48
CA LEU A 592 -22.00 0.06 -34.72
C LEU A 592 -21.92 0.44 -36.18
N SER A 593 -22.91 0.03 -36.96
CA SER A 593 -22.91 0.29 -38.41
C SER A 593 -22.93 1.79 -38.70
N GLN A 594 -23.56 2.56 -37.81
CA GLN A 594 -23.58 4.01 -37.93
C GLN A 594 -22.50 4.64 -37.06
N GLY A 595 -21.56 3.82 -36.61
CA GLY A 595 -20.49 4.27 -35.73
C GLY A 595 -20.85 4.24 -34.26
N GLY A 596 -19.96 4.78 -33.44
CA GLY A 596 -20.16 4.81 -32.00
C GLY A 596 -19.04 4.12 -31.26
N CYS A 597 -18.82 4.53 -30.01
CA CYS A 597 -17.75 3.97 -29.20
C CYS A 597 -18.25 2.83 -28.32
N ALA A 598 -17.58 1.68 -28.40
CA ALA A 598 -17.99 0.51 -27.64
C ALA A 598 -16.84 -0.13 -26.88
N ALA A 599 -17.15 -0.70 -25.72
CA ALA A 599 -16.17 -1.39 -24.90
C ALA A 599 -16.65 -2.79 -24.59
N ILE A 600 -15.71 -3.73 -24.52
CA ILE A 600 -16.04 -5.09 -24.13
C ILE A 600 -15.12 -5.54 -23.00
N ILE A 601 -15.66 -5.64 -21.80
CA ILE A 601 -14.86 -6.00 -20.64
C ILE A 601 -14.84 -7.51 -20.42
N CYS A 602 -13.66 -8.11 -20.59
CA CYS A 602 -13.47 -9.53 -20.32
C CYS A 602 -12.89 -9.72 -18.93
N ASN A 603 -13.21 -10.86 -18.31
CA ASN A 603 -12.76 -11.11 -16.95
C ASN A 603 -11.29 -11.55 -16.82
N THR A 604 -10.70 -11.97 -17.93
CA THR A 604 -9.32 -12.42 -17.93
C THR A 604 -8.58 -11.96 -19.19
N VAL A 605 -7.26 -11.86 -19.09
CA VAL A 605 -6.44 -11.50 -20.24
C VAL A 605 -6.60 -12.43 -21.47
N PRO A 606 -6.52 -13.76 -21.27
CA PRO A 606 -6.69 -14.63 -22.45
C PRO A 606 -8.02 -14.46 -23.17
N ARG A 607 -9.09 -14.20 -22.42
CA ARG A 607 -10.40 -13.98 -23.03
C ARG A 607 -10.41 -12.70 -23.87
N ALA A 608 -9.68 -11.70 -23.41
CA ALA A 608 -9.60 -10.42 -24.11
C ALA A 608 -8.77 -10.56 -25.38
N GLN A 609 -7.65 -11.25 -25.27
CA GLN A 609 -6.79 -11.48 -26.44
C GLN A 609 -7.53 -12.30 -27.48
N ALA A 610 -8.31 -13.27 -27.03
CA ALA A 610 -9.05 -14.13 -27.95
C ALA A 610 -10.16 -13.34 -28.64
N LEU A 611 -10.90 -12.58 -27.85
CA LEU A 611 -11.99 -11.79 -28.42
C LEU A 611 -11.48 -10.73 -29.38
N TYR A 612 -10.33 -10.15 -29.07
CA TYR A 612 -9.72 -9.16 -29.95
C TYR A 612 -9.28 -9.82 -31.25
N SER A 613 -8.66 -11.00 -31.14
CA SER A 613 -8.19 -11.69 -32.34
C SER A 613 -9.35 -12.10 -33.24
N ALA A 614 -10.46 -12.51 -32.62
CA ALA A 614 -11.65 -12.84 -33.39
C ALA A 614 -12.27 -11.60 -34.01
N LEU A 615 -12.08 -10.46 -33.34
CA LEU A 615 -12.72 -9.22 -33.78
C LEU A 615 -11.97 -8.45 -34.87
N ARG A 616 -10.75 -8.85 -35.18
CA ARG A 616 -9.96 -8.12 -36.18
C ARG A 616 -10.57 -8.16 -37.58
N GLU A 617 -11.19 -9.27 -37.94
CA GLU A 617 -11.83 -9.42 -39.24
C GLU A 617 -13.04 -8.51 -39.41
N VAL A 618 -13.74 -8.26 -38.31
CA VAL A 618 -14.97 -7.49 -38.34
C VAL A 618 -14.72 -5.98 -38.37
N PHE A 619 -13.64 -5.54 -37.74
CA PHE A 619 -13.30 -4.12 -37.68
C PHE A 619 -11.84 -3.86 -38.06
N PRO A 620 -11.53 -3.94 -39.36
CA PRO A 620 -10.16 -3.76 -39.85
C PRO A 620 -9.77 -2.30 -40.09
N GLY A 621 -10.70 -1.37 -39.86
CA GLY A 621 -10.50 0.01 -40.25
C GLY A 621 -9.59 0.83 -39.36
N LEU A 622 -9.26 2.04 -39.83
CA LEU A 622 -8.39 2.95 -39.08
C LEU A 622 -9.19 4.12 -38.53
N ALA A 623 -8.94 4.45 -37.26
CA ALA A 623 -9.59 5.60 -36.62
C ALA A 623 -8.89 6.92 -36.96
N GLU A 624 -9.49 8.03 -36.56
CA GLU A 624 -8.99 9.37 -36.91
C GLU A 624 -7.62 9.68 -36.31
N ASP A 625 -7.24 8.95 -35.26
CA ASP A 625 -5.94 9.17 -34.62
C ASP A 625 -4.80 8.42 -35.33
N GLY A 626 -5.12 7.80 -36.46
CA GLY A 626 -4.15 7.08 -37.25
C GLY A 626 -3.87 5.67 -36.77
N MSE A 627 -4.68 5.22 -35.81
CA MSE A 627 -4.52 3.89 -35.23
C MSE A 627 -5.82 3.12 -35.44
O MSE A 627 -6.88 3.71 -35.60
CB MSE A 627 -4.20 4.00 -33.73
CG MSE A 627 -2.83 4.57 -33.45
SE MSE A 627 -1.38 3.51 -34.25
CE MSE A 627 -1.47 1.94 -33.09
N PRO A 628 -5.74 1.77 -35.45
CA PRO A 628 -6.91 0.96 -35.78
C PRO A 628 -8.07 1.18 -34.81
N GLU A 629 -9.29 1.15 -35.35
CA GLU A 629 -10.50 1.37 -34.55
C GLU A 629 -10.67 0.28 -33.49
N LEU A 630 -10.18 -0.92 -33.79
CA LEU A 630 -10.18 -2.01 -32.83
C LEU A 630 -8.90 -1.91 -32.01
N ASP A 631 -9.03 -1.96 -30.69
CA ASP A 631 -7.88 -1.78 -29.81
C ASP A 631 -7.98 -2.70 -28.60
N LEU A 632 -6.86 -2.94 -27.94
CA LEU A 632 -6.80 -3.87 -26.81
C LEU A 632 -6.06 -3.25 -25.63
N LEU A 633 -6.58 -3.48 -24.42
CA LEU A 633 -5.98 -2.90 -23.22
C LEU A 633 -6.04 -3.87 -22.04
N HIS A 634 -4.86 -4.19 -21.52
CA HIS A 634 -4.74 -5.00 -20.30
C HIS A 634 -3.36 -4.78 -19.71
N ALA A 635 -3.14 -5.24 -18.49
CA ALA A 635 -1.89 -4.99 -17.79
C ALA A 635 -0.67 -5.76 -18.31
N ARG A 636 -0.92 -6.83 -19.07
CA ARG A 636 0.15 -7.74 -19.47
C ARG A 636 0.93 -7.24 -20.70
N TYR A 637 1.48 -6.05 -20.58
CA TYR A 637 2.34 -5.48 -21.61
C TYR A 637 3.60 -4.98 -20.91
N PRO A 638 4.69 -4.85 -21.67
CA PRO A 638 5.83 -4.10 -21.13
C PRO A 638 5.37 -2.67 -20.87
N TYR A 639 5.89 -2.05 -19.82
CA TYR A 639 5.27 -0.84 -19.26
C TYR A 639 5.14 0.35 -20.23
N GLU A 640 6.12 0.52 -21.11
CA GLU A 640 6.06 1.60 -22.10
C GLU A 640 4.92 1.41 -23.08
N GLU A 641 4.67 0.16 -23.43
CA GLU A 641 3.54 -0.19 -24.29
C GLU A 641 2.22 0.09 -23.58
N ARG A 642 2.22 -0.12 -22.27
CA ARG A 642 1.02 0.16 -21.48
C ARG A 642 0.77 1.66 -21.53
N GLU A 643 1.84 2.43 -21.45
CA GLU A 643 1.71 3.89 -21.50
C GLU A 643 1.13 4.32 -22.84
N VAL A 644 1.59 3.69 -23.91
CA VAL A 644 1.10 4.04 -25.24
C VAL A 644 -0.39 3.73 -25.40
N ARG A 645 -0.76 2.49 -25.08
CA ARG A 645 -2.14 2.06 -25.26
C ARG A 645 -3.11 2.82 -24.34
N GLU A 646 -2.67 3.13 -23.13
CA GLU A 646 -3.48 3.91 -22.21
C GLU A 646 -3.67 5.35 -22.69
N ALA A 647 -2.62 5.95 -23.22
CA ALA A 647 -2.73 7.31 -23.74
C ALA A 647 -3.67 7.33 -24.95
N ARG A 648 -3.64 6.27 -25.74
CA ARG A 648 -4.55 6.20 -26.88
C ARG A 648 -6.01 6.07 -26.42
N THR A 649 -6.22 5.25 -25.39
CA THR A 649 -7.56 5.02 -24.87
C THR A 649 -8.15 6.28 -24.24
N LEU A 650 -7.36 6.96 -23.41
CA LEU A 650 -7.80 8.21 -22.81
C LEU A 650 -8.02 9.24 -23.90
N GLY A 651 -7.23 9.17 -24.96
CA GLY A 651 -7.36 10.11 -26.05
C GLY A 651 -8.66 9.92 -26.79
N ARG A 652 -9.14 8.68 -26.85
CA ARG A 652 -10.39 8.39 -27.54
C ARG A 652 -11.67 8.57 -26.71
N PHE A 653 -11.64 8.12 -25.46
CA PHE A 653 -12.88 7.99 -24.68
C PHE A 653 -13.03 8.89 -23.46
N SER A 654 -12.03 9.72 -23.17
CA SER A 654 -12.09 10.64 -22.04
C SER A 654 -13.02 11.81 -22.31
N ARG A 655 -13.45 12.48 -21.24
CA ARG A 655 -14.45 13.54 -21.34
C ARG A 655 -13.99 14.71 -22.21
N ASN A 656 -12.69 15.01 -22.18
CA ASN A 656 -12.13 16.05 -23.02
C ASN A 656 -11.51 15.52 -24.31
N GLY A 657 -11.58 14.22 -24.51
CA GLY A 657 -10.89 13.58 -25.61
C GLY A 657 -11.51 13.84 -26.97
N ARG A 658 -10.72 13.59 -28.02
CA ARG A 658 -11.19 13.74 -29.40
C ARG A 658 -11.89 12.46 -29.84
N ARG A 659 -13.21 12.43 -29.68
CA ARG A 659 -13.96 11.20 -29.83
C ARG A 659 -14.08 10.74 -31.28
N PRO A 660 -13.62 9.51 -31.56
CA PRO A 660 -13.69 8.83 -32.86
C PRO A 660 -15.12 8.55 -33.31
N HIS A 661 -15.35 8.59 -34.62
CA HIS A 661 -16.67 8.27 -35.15
C HIS A 661 -17.04 6.83 -34.84
N ARG A 662 -16.05 5.95 -34.85
CA ARG A 662 -16.25 4.57 -34.43
C ARG A 662 -14.98 3.98 -33.85
N ALA A 663 -15.10 3.32 -32.71
CA ALA A 663 -13.96 2.66 -32.09
C ALA A 663 -14.44 1.55 -31.16
N ILE A 664 -13.65 0.49 -31.09
CA ILE A 664 -13.96 -0.61 -30.20
C ILE A 664 -12.77 -0.88 -29.30
N LEU A 665 -13.02 -0.95 -28.00
CA LEU A 665 -11.99 -1.31 -27.05
C LEU A 665 -12.33 -2.64 -26.36
N VAL A 666 -11.50 -3.65 -26.60
CA VAL A 666 -11.54 -4.86 -25.79
C VAL A 666 -10.59 -4.64 -24.63
N ALA A 667 -11.04 -4.93 -23.41
CA ALA A 667 -10.23 -4.68 -22.22
C ALA A 667 -10.62 -5.55 -21.04
N THR A 668 -9.71 -5.66 -20.08
CA THR A 668 -9.97 -6.35 -18.83
C THR A 668 -10.47 -5.34 -17.82
N GLN A 669 -10.44 -5.70 -16.54
CA GLN A 669 -11.03 -4.87 -15.50
C GLN A 669 -10.17 -3.67 -15.08
N VAL A 670 -9.09 -3.44 -15.81
CA VAL A 670 -8.32 -2.21 -15.62
C VAL A 670 -9.11 -0.99 -16.11
N ILE A 671 -10.10 -1.22 -16.95
CA ILE A 671 -11.04 -0.17 -17.36
C ILE A 671 -12.17 -0.08 -16.34
N GLU A 672 -12.48 -1.23 -15.72
CA GLU A 672 -13.58 -1.34 -14.76
C GLU A 672 -13.36 -0.44 -13.54
N GLN A 673 -12.10 -0.17 -13.21
CA GLN A 673 -11.80 0.53 -11.97
C GLN A 673 -10.96 1.81 -12.09
N SER A 674 -10.29 2.00 -13.23
CA SER A 674 -9.36 3.12 -13.37
C SER A 674 -9.88 4.32 -14.15
N LEU A 675 -9.66 4.26 -15.45
CA LEU A 675 -9.75 5.42 -16.33
C LEU A 675 -11.15 6.04 -16.43
N ASP A 676 -11.19 7.36 -16.58
CA ASP A 676 -12.45 8.09 -16.70
C ASP A 676 -12.94 8.07 -18.14
N LEU A 677 -13.57 6.96 -18.52
CA LEU A 677 -13.98 6.73 -19.89
C LEU A 677 -15.49 6.80 -20.11
N ASP A 678 -15.90 7.02 -21.35
CA ASP A 678 -17.30 7.09 -21.73
C ASP A 678 -17.51 6.27 -23.00
N PHE A 679 -18.45 5.33 -22.96
CA PHE A 679 -18.75 4.52 -24.13
C PHE A 679 -20.22 4.61 -24.51
N ASP A 680 -20.51 4.63 -25.80
CA ASP A 680 -21.88 4.63 -26.30
C ASP A 680 -22.56 3.27 -26.09
N LEU A 681 -21.76 2.23 -25.96
CA LEU A 681 -22.28 0.88 -25.78
C LEU A 681 -21.32 0.06 -24.94
N MSE A 682 -21.87 -0.71 -24.00
CA MSE A 682 -21.05 -1.50 -23.09
C MSE A 682 -21.39 -2.99 -23.20
O MSE A 682 -22.55 -3.38 -23.22
CB MSE A 682 -21.28 -1.03 -21.65
CG MSE A 682 -20.64 -1.92 -20.59
SE MSE A 682 -18.74 -1.61 -20.35
CE MSE A 682 -18.81 0.35 -20.28
N VAL A 683 -20.35 -3.80 -23.29
CA VAL A 683 -20.50 -5.25 -23.27
C VAL A 683 -19.56 -5.81 -22.20
N THR A 684 -20.03 -6.79 -21.44
CA THR A 684 -19.22 -7.34 -20.36
C THR A 684 -19.50 -8.80 -20.09
N ASP A 685 -18.47 -9.52 -19.66
CA ASP A 685 -18.62 -10.86 -19.13
C ASP A 685 -19.43 -10.75 -17.85
N LEU A 686 -20.15 -11.82 -17.52
CA LEU A 686 -20.89 -11.89 -16.27
C LEU A 686 -19.89 -11.82 -15.11
N ALA A 687 -20.27 -11.12 -14.05
CA ALA A 687 -19.40 -10.88 -12.91
C ALA A 687 -20.31 -10.66 -11.70
N PRO A 688 -19.72 -10.50 -10.50
CA PRO A 688 -20.63 -10.13 -9.40
C PRO A 688 -21.27 -8.79 -9.72
N VAL A 689 -22.54 -8.62 -9.35
CA VAL A 689 -23.35 -7.54 -9.89
C VAL A 689 -22.83 -6.15 -9.59
N ASP A 690 -22.20 -5.96 -8.43
CA ASP A 690 -21.65 -4.66 -8.10
C ASP A 690 -20.55 -4.29 -9.08
N LEU A 691 -19.81 -5.29 -9.53
CA LEU A 691 -18.76 -5.08 -10.52
C LEU A 691 -19.32 -4.83 -11.93
N VAL A 692 -20.39 -5.53 -12.28
CA VAL A 692 -21.06 -5.30 -13.55
C VAL A 692 -21.61 -3.88 -13.60
N LEU A 693 -22.16 -3.44 -12.48
CA LEU A 693 -22.68 -2.08 -12.36
C LEU A 693 -21.56 -1.04 -12.42
N GLN A 694 -20.43 -1.39 -11.81
CA GLN A 694 -19.28 -0.51 -11.80
C GLN A 694 -18.79 -0.32 -13.23
N ARG A 695 -18.75 -1.41 -13.99
CA ARG A 695 -18.40 -1.34 -15.40
C ARG A 695 -19.44 -0.55 -16.18
N MSE A 696 -20.70 -0.65 -15.74
CA MSE A 696 -21.80 0.01 -16.39
C MSE A 696 -21.76 1.51 -16.15
O MSE A 696 -22.41 2.29 -16.84
CB MSE A 696 -23.13 -0.57 -15.89
CG MSE A 696 -24.35 -0.16 -16.71
SE MSE A 696 -26.02 -0.43 -15.74
CE MSE A 696 -25.65 0.72 -14.21
N GLY A 697 -20.96 1.92 -15.18
CA GLY A 697 -20.84 3.34 -14.86
C GLY A 697 -20.09 4.11 -15.93
N ARG A 698 -19.37 3.39 -16.79
CA ARG A 698 -18.70 4.01 -17.93
C ARG A 698 -19.65 4.20 -19.12
N LEU A 699 -20.83 3.60 -19.05
CA LEU A 699 -21.80 3.70 -20.14
C LEU A 699 -22.47 5.07 -20.13
N HIS A 700 -22.30 5.82 -21.22
CA HIS A 700 -22.82 7.18 -21.33
C HIS A 700 -22.44 8.04 -20.12
N ARG A 701 -21.20 7.90 -19.67
CA ARG A 701 -20.75 8.53 -18.43
C ARG A 701 -20.79 10.05 -18.49
N HIS A 702 -20.52 10.61 -19.66
CA HIS A 702 -20.41 12.06 -19.81
C HIS A 702 -21.49 12.64 -20.71
N PRO A 703 -22.36 13.49 -20.13
CA PRO A 703 -23.50 14.11 -20.81
C PRO A 703 -23.07 14.94 -22.03
N VAL A 704 -21.88 15.52 -21.98
CA VAL A 704 -21.38 16.36 -23.06
C VAL A 704 -21.29 15.59 -24.38
N HIS A 705 -21.13 14.27 -24.29
CA HIS A 705 -21.03 13.42 -25.47
C HIS A 705 -22.39 13.08 -26.07
N ASP A 706 -23.47 13.43 -25.37
CA ASP A 706 -24.82 13.04 -25.81
C ASP A 706 -25.23 13.46 -27.23
N PRO A 707 -25.05 14.75 -27.58
CA PRO A 707 -25.54 15.18 -28.90
C PRO A 707 -24.92 14.42 -30.08
N LEU A 708 -23.67 14.03 -29.93
CA LEU A 708 -22.92 13.40 -31.02
C LEU A 708 -23.04 11.89 -31.06
N ARG A 709 -23.76 11.31 -30.12
CA ARG A 709 -23.93 9.85 -30.09
C ARG A 709 -24.76 9.39 -31.27
N PRO A 710 -24.39 8.24 -31.85
CA PRO A 710 -25.13 7.66 -32.97
C PRO A 710 -26.54 7.29 -32.54
N GLU A 711 -27.50 7.43 -33.45
CA GLU A 711 -28.92 7.28 -33.12
C GLU A 711 -29.27 5.89 -32.59
N ARG A 712 -28.56 4.88 -33.07
CA ARG A 712 -28.78 3.51 -32.63
C ARG A 712 -28.40 3.34 -31.15
N LEU A 713 -27.47 4.18 -30.71
CA LEU A 713 -26.88 4.04 -29.38
C LEU A 713 -27.32 5.09 -28.36
N ARG A 714 -28.23 5.98 -28.75
CA ARG A 714 -28.62 7.08 -27.88
C ARG A 714 -29.28 6.64 -26.58
N SER A 715 -30.04 5.54 -26.65
CA SER A 715 -30.56 4.91 -25.44
C SER A 715 -29.55 3.89 -24.93
N PRO A 716 -29.12 4.05 -23.67
CA PRO A 716 -28.05 3.23 -23.11
C PRO A 716 -28.41 1.75 -23.09
N GLU A 717 -27.41 0.90 -23.36
CA GLU A 717 -27.61 -0.53 -23.38
C GLU A 717 -26.42 -1.25 -22.77
N LEU A 718 -26.72 -2.29 -21.99
CA LEU A 718 -25.69 -3.12 -21.40
C LEU A 718 -25.83 -4.55 -21.88
N TRP A 719 -24.89 -5.01 -22.70
CA TRP A 719 -24.88 -6.39 -23.13
C TRP A 719 -24.02 -7.21 -22.17
N VAL A 720 -24.58 -8.31 -21.67
CA VAL A 720 -23.81 -9.23 -20.87
C VAL A 720 -23.64 -10.52 -21.65
N VAL A 721 -22.43 -11.05 -21.68
CA VAL A 721 -22.18 -12.32 -22.36
C VAL A 721 -22.78 -13.45 -21.53
N SER A 722 -23.76 -14.14 -22.08
CA SER A 722 -24.41 -15.24 -21.39
C SER A 722 -23.52 -16.48 -21.32
N PRO A 723 -23.50 -17.15 -20.17
CA PRO A 723 -22.87 -18.46 -19.99
C PRO A 723 -23.64 -19.51 -20.78
N GLN A 724 -22.99 -20.62 -21.16
CA GLN A 724 -23.72 -21.73 -21.73
C GLN A 724 -24.78 -22.16 -20.73
N VAL A 725 -25.96 -22.52 -21.22
CA VAL A 725 -27.02 -22.96 -20.33
C VAL A 725 -27.52 -24.34 -20.72
N MSE A 726 -27.39 -25.29 -19.80
CA MSE A 726 -27.95 -26.62 -19.99
C MSE A 726 -29.25 -26.74 -19.21
O MSE A 726 -29.23 -26.87 -17.99
CB MSE A 726 -26.95 -27.68 -19.54
CG MSE A 726 -25.64 -27.66 -20.31
SE MSE A 726 -24.42 -29.07 -19.76
CE MSE A 726 -25.61 -30.60 -20.02
N GLY A 727 -30.37 -26.68 -19.92
CA GLY A 727 -31.66 -26.63 -19.28
C GLY A 727 -31.80 -25.26 -18.61
N ASP A 728 -31.77 -25.25 -17.29
CA ASP A 728 -31.78 -23.99 -16.55
C ASP A 728 -30.46 -23.76 -15.79
N VAL A 729 -29.47 -24.63 -16.01
CA VAL A 729 -28.23 -24.55 -15.25
C VAL A 729 -27.11 -23.89 -16.02
N PRO A 730 -26.67 -22.69 -15.55
CA PRO A 730 -25.53 -21.99 -16.14
C PRO A 730 -24.20 -22.73 -15.97
N ILE A 731 -23.35 -22.60 -16.98
CA ILE A 731 -22.00 -23.15 -16.95
C ILE A 731 -21.04 -22.02 -17.23
N PHE A 732 -20.41 -21.50 -16.18
CA PHE A 732 -19.47 -20.39 -16.33
C PHE A 732 -18.14 -20.87 -16.91
N ASP A 733 -17.48 -19.98 -17.65
CA ASP A 733 -16.18 -20.30 -18.22
C ASP A 733 -15.14 -20.41 -17.11
N ARG A 734 -14.10 -21.20 -17.36
CA ARG A 734 -13.11 -21.51 -16.34
C ARG A 734 -12.35 -20.29 -15.81
N GLY A 735 -12.08 -19.31 -16.67
CA GLY A 735 -11.34 -18.14 -16.25
C GLY A 735 -12.13 -17.28 -15.29
N SER A 736 -13.42 -17.10 -15.60
CA SER A 736 -14.31 -16.34 -14.74
C SER A 736 -14.52 -17.06 -13.42
N ALA A 737 -14.66 -18.39 -13.49
CA ALA A 737 -14.86 -19.19 -12.29
C ALA A 737 -13.62 -19.17 -11.40
N SER A 738 -12.45 -19.00 -12.02
CA SER A 738 -11.21 -18.93 -11.27
C SER A 738 -10.99 -17.54 -10.66
N VAL A 739 -11.43 -16.50 -11.36
CA VAL A 739 -11.30 -15.14 -10.87
C VAL A 739 -12.33 -14.78 -9.80
N TYR A 740 -13.57 -15.22 -9.98
CA TYR A 740 -14.65 -14.88 -9.06
C TYR A 740 -15.26 -16.10 -8.39
N ASP A 741 -15.85 -15.90 -7.21
CA ASP A 741 -16.54 -16.98 -6.54
C ASP A 741 -17.72 -17.41 -7.42
N GLU A 742 -17.87 -18.71 -7.61
CA GLU A 742 -18.85 -19.22 -8.57
C GLU A 742 -20.29 -19.06 -8.08
N HIS A 743 -20.48 -19.17 -6.77
CA HIS A 743 -21.81 -18.98 -6.19
C HIS A 743 -22.28 -17.54 -6.39
N THR A 744 -21.35 -16.59 -6.27
CA THR A 744 -21.67 -15.19 -6.49
C THR A 744 -22.02 -14.95 -7.96
N LEU A 745 -21.32 -15.65 -8.85
CA LEU A 745 -21.61 -15.55 -10.28
C LEU A 745 -23.01 -16.08 -10.55
N LEU A 746 -23.37 -17.12 -9.80
CA LEU A 746 -24.69 -17.73 -9.94
C LEU A 746 -25.79 -16.81 -9.46
N ARG A 747 -25.59 -16.20 -8.29
CA ARG A 747 -26.57 -15.27 -7.73
C ARG A 747 -26.73 -14.07 -8.65
N SER A 748 -25.62 -13.64 -9.24
CA SER A 748 -25.66 -12.49 -10.14
C SER A 748 -26.43 -12.84 -11.40
N TRP A 749 -26.17 -14.02 -11.94
CA TRP A 749 -26.84 -14.45 -13.15
C TRP A 749 -28.34 -14.63 -12.90
N LEU A 750 -28.68 -15.12 -11.71
CA LEU A 750 -30.09 -15.30 -11.35
C LEU A 750 -30.80 -13.96 -11.21
N ALA A 751 -30.10 -13.00 -10.61
CA ALA A 751 -30.68 -11.66 -10.43
C ALA A 751 -30.80 -10.90 -11.74
N LEU A 752 -29.96 -11.25 -12.71
CA LEU A 752 -29.94 -10.50 -13.97
C LEU A 752 -30.70 -11.12 -15.15
N ARG A 753 -30.88 -12.44 -15.13
CA ARG A 753 -31.33 -13.17 -16.32
C ARG A 753 -32.72 -12.79 -16.84
N ASP A 754 -33.64 -12.47 -15.93
CA ASP A 754 -35.01 -12.15 -16.33
C ASP A 754 -35.20 -10.68 -16.67
N ARG A 755 -34.20 -9.86 -16.34
CA ARG A 755 -34.30 -8.42 -16.52
C ARG A 755 -34.24 -7.98 -17.98
N ASP A 756 -35.02 -6.95 -18.30
CA ASP A 756 -34.98 -6.33 -19.62
C ASP A 756 -34.49 -4.89 -19.48
N THR A 757 -34.78 -4.28 -18.33
CA THR A 757 -34.50 -2.87 -18.11
C THR A 757 -34.08 -2.62 -16.65
N LEU A 758 -33.04 -1.82 -16.47
CA LEU A 758 -32.64 -1.39 -15.14
C LEU A 758 -33.08 0.05 -14.90
N GLN A 759 -33.66 0.29 -13.73
CA GLN A 759 -34.07 1.63 -13.34
C GLN A 759 -33.12 2.25 -12.33
N LEU A 760 -32.18 3.05 -12.83
CA LEU A 760 -31.23 3.76 -11.99
C LEU A 760 -31.83 5.03 -11.40
N PRO A 761 -31.28 5.52 -10.26
CA PRO A 761 -30.32 4.96 -9.31
C PRO A 761 -30.73 3.67 -8.60
N GLU A 762 -32.03 3.48 -8.36
CA GLU A 762 -32.50 2.51 -7.37
C GLU A 762 -32.12 1.04 -7.62
N ASP A 763 -32.02 0.66 -8.89
CA ASP A 763 -31.69 -0.72 -9.21
C ASP A 763 -30.25 -1.10 -8.85
N ILE A 764 -29.40 -0.10 -8.64
CA ILE A 764 -28.04 -0.36 -8.18
C ILE A 764 -28.07 -0.99 -6.78
N GLU A 765 -28.62 -0.25 -5.83
CA GLU A 765 -28.75 -0.75 -4.47
C GLU A 765 -29.66 -1.97 -4.41
N GLU A 766 -30.69 -2.00 -5.25
CA GLU A 766 -31.63 -3.11 -5.23
C GLU A 766 -30.97 -4.41 -5.69
N LEU A 767 -30.23 -4.35 -6.79
CA LEU A 767 -29.56 -5.54 -7.30
C LEU A 767 -28.48 -6.01 -6.34
N VAL A 768 -27.67 -5.07 -5.83
CA VAL A 768 -26.61 -5.50 -4.94
C VAL A 768 -27.15 -6.08 -3.63
N GLU A 769 -28.22 -5.47 -3.12
CA GLU A 769 -28.86 -5.98 -1.90
C GLU A 769 -29.50 -7.34 -2.16
N GLN A 770 -30.00 -7.55 -3.38
CA GLN A 770 -30.63 -8.83 -3.73
C GLN A 770 -29.60 -9.95 -3.85
N VAL A 771 -28.44 -9.64 -4.42
CA VAL A 771 -27.44 -10.67 -4.69
C VAL A 771 -26.70 -11.16 -3.44
N TYR A 772 -26.28 -10.23 -2.60
CA TYR A 772 -25.52 -10.59 -1.42
C TYR A 772 -26.43 -10.71 -0.21
N SER A 773 -27.26 -9.70 0.00
CA SER A 773 -28.01 -9.59 1.24
C SER A 773 -29.23 -10.50 1.25
N ASP A 774 -28.99 -11.74 1.67
CA ASP A 774 -30.00 -12.65 2.25
C ASP A 774 -30.66 -13.69 1.34
N GLY A 775 -31.55 -13.27 0.45
CA GLY A 775 -32.51 -14.18 -0.14
C GLY A 775 -31.98 -15.42 -0.83
N ARG A 776 -32.39 -16.58 -0.31
CA ARG A 776 -32.12 -17.86 -0.95
C ARG A 776 -33.25 -18.09 -1.94
N VAL A 777 -32.97 -17.83 -3.21
CA VAL A 777 -34.03 -17.81 -4.21
C VAL A 777 -33.74 -18.70 -5.42
N PRO A 778 -33.87 -20.02 -5.24
CA PRO A 778 -33.85 -20.97 -6.36
C PRO A 778 -34.96 -20.65 -7.36
N GLN A 779 -36.06 -20.10 -6.84
CA GLN A 779 -37.23 -19.63 -7.60
C GLN A 779 -38.11 -20.72 -8.22
N GLY A 780 -37.82 -21.98 -7.89
CA GLY A 780 -38.62 -23.09 -8.38
C GLY A 780 -38.13 -23.60 -9.72
N ALA A 781 -37.08 -24.41 -9.68
CA ALA A 781 -36.40 -24.85 -10.88
C ALA A 781 -35.93 -26.30 -10.81
N SER A 782 -35.00 -26.66 -11.69
CA SER A 782 -34.53 -28.04 -11.80
C SER A 782 -33.68 -28.46 -10.61
N GLU A 783 -33.63 -29.75 -10.35
CA GLU A 783 -32.86 -30.29 -9.24
C GLU A 783 -31.36 -30.03 -9.40
N GLU A 784 -30.87 -30.07 -10.65
CA GLU A 784 -29.46 -29.82 -10.90
C GLU A 784 -29.05 -28.37 -10.61
N LEU A 785 -29.96 -27.43 -10.84
CA LEU A 785 -29.71 -26.03 -10.52
C LEU A 785 -29.63 -25.84 -9.01
N ARG A 786 -30.48 -26.56 -8.30
CA ARG A 786 -30.50 -26.51 -6.84
C ARG A 786 -29.20 -27.10 -6.30
N SER A 787 -28.77 -28.18 -6.94
CA SER A 787 -27.53 -28.83 -6.55
C SER A 787 -26.35 -27.91 -6.80
N LEU A 788 -26.40 -27.15 -7.89
CA LEU A 788 -25.33 -26.20 -8.20
C LEU A 788 -25.32 -25.09 -7.16
N TRP A 789 -26.51 -24.66 -6.76
CA TRP A 789 -26.63 -23.61 -5.76
C TRP A 789 -25.99 -24.05 -4.46
N GLU A 790 -26.44 -25.20 -3.95
CA GLU A 790 -25.97 -25.69 -2.66
C GLU A 790 -24.48 -26.05 -2.67
N ARG A 791 -24.03 -26.60 -3.79
CA ARG A 791 -22.63 -27.00 -3.91
C ARG A 791 -21.70 -25.79 -3.94
N THR A 792 -22.03 -24.82 -4.78
CA THR A 792 -21.21 -23.61 -4.87
C THR A 792 -21.24 -22.81 -3.57
N PHE A 793 -22.40 -22.78 -2.93
CA PHE A 793 -22.50 -22.09 -1.64
C PHE A 793 -21.67 -22.80 -0.56
N LYS A 794 -21.63 -24.13 -0.62
CA LYS A 794 -20.82 -24.88 0.32
C LYS A 794 -19.34 -24.62 0.10
N ALA A 795 -18.95 -24.51 -1.17
CA ALA A 795 -17.54 -24.25 -1.48
C ALA A 795 -17.14 -22.85 -1.02
N GLN A 796 -18.05 -21.89 -1.20
CA GLN A 796 -17.79 -20.51 -0.81
C GLN A 796 -17.65 -20.40 0.71
N GLN A 797 -18.60 -20.98 1.42
CA GLN A 797 -18.56 -20.96 2.87
C GLN A 797 -17.34 -21.70 3.40
N LYS A 798 -16.95 -22.77 2.72
CA LYS A 798 -15.77 -23.52 3.14
C LYS A 798 -14.52 -22.65 2.97
N VAL A 799 -14.50 -21.83 1.93
CA VAL A 799 -13.37 -20.92 1.75
C VAL A 799 -13.32 -19.89 2.87
N LEU A 800 -14.47 -19.29 3.18
CA LEU A 800 -14.50 -18.26 4.22
C LEU A 800 -14.13 -18.83 5.60
N ARG A 801 -14.67 -20.00 5.90
CA ARG A 801 -14.40 -20.64 7.18
C ARG A 801 -12.93 -21.01 7.29
N GLU A 802 -12.36 -21.49 6.17
CA GLU A 802 -10.97 -21.87 6.17
C GLU A 802 -10.08 -20.65 6.38
N ASP A 803 -10.47 -19.52 5.81
CA ASP A 803 -9.72 -18.29 6.06
C ASP A 803 -9.83 -17.86 7.52
N SER A 804 -10.99 -18.07 8.12
CA SER A 804 -11.18 -17.66 9.51
C SER A 804 -10.35 -18.51 10.47
N LEU A 805 -10.30 -19.82 10.23
CA LEU A 805 -9.50 -20.71 11.08
C LEU A 805 -7.99 -20.49 10.92
N GLN A 806 -7.58 -20.05 9.73
CA GLN A 806 -6.16 -19.86 9.43
C GLN A 806 -5.68 -18.44 9.73
N ALA A 807 -6.54 -17.64 10.34
CA ALA A 807 -6.28 -16.22 10.56
C ALA A 807 -5.04 -15.95 11.41
N LYS A 808 -4.72 -16.88 12.31
CA LYS A 808 -3.59 -16.72 13.21
C LYS A 808 -2.26 -16.69 12.46
N TYR A 809 -2.21 -17.34 11.30
CA TYR A 809 -0.99 -17.41 10.51
C TYR A 809 -0.91 -16.33 9.44
N ARG A 810 -1.95 -15.51 9.33
CA ARG A 810 -2.04 -14.55 8.24
C ARG A 810 -2.18 -13.11 8.70
N TYR A 811 -3.16 -12.85 9.56
CA TYR A 811 -3.43 -11.50 10.03
C TYR A 811 -2.72 -11.18 11.33
N ILE A 812 -2.40 -9.90 11.53
CA ILE A 812 -1.91 -9.43 12.81
C ILE A 812 -3.08 -9.45 13.79
N LYS A 813 -2.77 -9.53 15.08
CA LYS A 813 -3.80 -9.47 16.11
C LYS A 813 -4.48 -8.12 16.05
N GLY A 814 -5.73 -8.07 16.48
CA GLY A 814 -6.45 -6.81 16.54
C GLY A 814 -5.90 -5.94 17.66
N PRO A 815 -6.30 -4.66 17.68
CA PRO A 815 -5.80 -3.63 18.61
C PRO A 815 -6.02 -3.99 20.08
N GLY A 816 -7.06 -4.76 20.38
CA GLY A 816 -7.39 -5.10 21.75
C GLY A 816 -6.57 -6.25 22.32
N TYR A 817 -5.58 -6.71 21.56
CA TYR A 817 -4.71 -7.80 22.02
C TYR A 817 -3.92 -7.40 23.28
N ASN A 818 -3.81 -8.36 24.21
CA ASN A 818 -3.26 -8.10 25.54
C ASN A 818 -1.77 -7.76 25.66
N SER A 819 -0.94 -8.26 24.75
CA SER A 819 0.51 -8.10 24.89
C SER A 819 1.21 -7.63 23.62
N ILE A 820 2.29 -6.87 23.80
CA ILE A 820 3.03 -6.31 22.67
C ILE A 820 3.70 -7.39 21.81
N TRP A 821 4.15 -8.46 22.45
CA TRP A 821 4.67 -9.61 21.73
C TRP A 821 3.52 -10.45 21.20
N GLY A 822 3.74 -11.15 20.10
CA GLY A 822 2.74 -12.07 19.56
C GLY A 822 1.69 -11.45 18.67
N ILE A 823 1.75 -10.14 18.46
CA ILE A 823 0.87 -9.48 17.50
C ILE A 823 1.16 -10.03 16.10
N VAL A 824 2.44 -10.37 15.89
CA VAL A 824 2.86 -11.09 14.70
C VAL A 824 3.65 -12.31 15.12
N THR A 825 3.28 -13.48 14.59
CA THR A 825 3.99 -14.72 14.88
C THR A 825 4.19 -15.52 13.60
N ALA A 826 5.44 -15.61 13.15
CA ALA A 826 5.80 -16.30 11.91
C ALA A 826 5.26 -15.62 10.64
N SER A 827 6.06 -15.59 9.58
CA SER A 827 7.44 -16.09 9.61
C SER A 827 8.39 -14.98 10.03
N VAL A 828 8.54 -14.80 11.34
CA VAL A 828 9.28 -13.68 11.90
C VAL A 828 10.76 -13.67 11.53
N GLU A 829 11.24 -12.51 11.11
CA GLU A 829 12.67 -12.26 10.85
C GLU A 829 13.31 -13.31 9.94
N GLU A 830 12.68 -13.59 8.81
CA GLU A 830 13.06 -14.74 7.97
C GLU A 830 14.45 -14.71 7.29
N ASP A 831 14.81 -13.68 6.53
CA ASP A 831 14.03 -12.51 6.14
C ASP A 831 14.40 -12.29 4.68
N ALA A 832 13.60 -11.58 3.88
CA ALA A 832 12.34 -10.96 4.29
C ALA A 832 11.17 -11.59 3.56
N PRO A 833 10.34 -12.35 4.29
CA PRO A 833 9.23 -13.15 3.75
C PRO A 833 8.13 -12.33 3.08
N GLU A 834 7.52 -12.91 2.05
CA GLU A 834 6.35 -12.34 1.41
C GLU A 834 5.21 -12.26 2.42
N LEU A 835 4.36 -11.22 2.42
CA LEU A 835 4.14 -10.21 1.37
C LEU A 835 3.48 -10.75 0.08
N HIS A 836 3.67 -10.06 -1.03
CA HIS A 836 2.79 -10.19 -2.20
C HIS A 836 2.60 -11.60 -2.82
N PRO A 837 3.70 -12.33 -3.09
CA PRO A 837 3.52 -13.67 -3.69
C PRO A 837 2.67 -14.68 -2.89
N ALA A 838 2.72 -14.62 -1.56
CA ALA A 838 2.12 -15.68 -0.75
C ALA A 838 0.91 -15.26 0.10
N LEU A 839 1.17 -14.49 1.16
CA LEU A 839 0.12 -14.10 2.09
C LEU A 839 -0.97 -13.24 1.46
N GLN A 840 -0.59 -12.44 0.47
CA GLN A 840 -1.55 -11.59 -0.22
C GLN A 840 -2.57 -12.43 -1.00
N ALA A 841 -2.13 -13.60 -1.47
CA ALA A 841 -3.00 -14.49 -2.23
C ALA A 841 -3.91 -15.34 -1.34
N LEU A 842 -3.35 -15.87 -0.25
CA LEU A 842 -4.13 -16.71 0.67
C LEU A 842 -5.23 -15.92 1.36
N THR A 843 -4.98 -14.63 1.60
CA THR A 843 -5.98 -13.74 2.14
C THR A 843 -6.79 -13.11 1.00
N ARG A 844 -6.37 -13.42 -0.22
CA ARG A 844 -7.00 -12.90 -1.44
C ARG A 844 -7.01 -11.36 -1.51
N LEU A 845 -5.95 -10.75 -0.99
CA LEU A 845 -5.74 -9.32 -1.12
C LEU A 845 -5.53 -8.94 -2.57
N ALA A 846 -4.86 -9.84 -3.32
CA ALA A 846 -4.57 -9.64 -4.73
C ALA A 846 -4.11 -10.95 -5.37
N GLU A 847 -4.16 -11.01 -6.69
CA GLU A 847 -3.68 -12.19 -7.41
C GLU A 847 -2.17 -12.33 -7.25
N PRO A 848 -1.70 -13.55 -7.02
CA PRO A 848 -0.25 -13.81 -6.96
C PRO A 848 0.40 -13.49 -8.29
N SER A 849 1.62 -12.98 -8.29
CA SER A 849 2.24 -12.53 -9.53
C SER A 849 3.77 -12.49 -9.48
N VAL A 850 4.38 -12.47 -10.67
CA VAL A 850 5.82 -12.36 -10.80
C VAL A 850 6.16 -11.13 -11.63
N SER A 851 7.07 -10.30 -11.11
CA SER A 851 7.55 -9.14 -11.85
C SER A 851 8.68 -9.56 -12.77
N ALA A 852 8.58 -9.20 -14.04
CA ALA A 852 9.57 -9.63 -15.02
C ALA A 852 9.98 -8.51 -15.97
N VAL A 853 11.24 -8.52 -16.37
CA VAL A 853 11.77 -7.54 -17.32
C VAL A 853 11.95 -8.20 -18.68
N CYS A 854 11.27 -7.68 -19.70
CA CYS A 854 11.37 -8.27 -21.03
C CYS A 854 12.63 -7.83 -21.78
N LEU A 855 13.41 -8.81 -22.24
CA LEU A 855 14.69 -8.56 -22.89
C LEU A 855 14.84 -9.48 -24.09
N VAL A 856 15.84 -9.21 -24.93
CA VAL A 856 16.10 -10.06 -26.09
C VAL A 856 17.39 -10.88 -25.95
N ALA A 857 17.41 -12.03 -26.62
CA ALA A 857 18.56 -12.93 -26.61
C ALA A 857 19.72 -12.43 -27.45
N GLY A 858 20.92 -12.87 -27.11
CA GLY A 858 22.11 -12.58 -27.90
C GLY A 858 23.36 -13.03 -27.18
N SER A 859 24.42 -13.27 -27.94
CA SER A 859 25.70 -13.63 -27.36
C SER A 859 26.21 -12.46 -26.53
N GLY A 860 26.86 -12.75 -25.41
CA GLY A 860 27.22 -11.71 -24.47
C GLY A 860 26.09 -11.42 -23.49
N GLY A 861 25.13 -12.33 -23.44
CA GLY A 861 24.01 -12.22 -22.50
C GLY A 861 22.83 -11.42 -23.00
N PRO A 862 21.84 -11.21 -22.12
CA PRO A 862 20.56 -10.55 -22.42
C PRO A 862 20.76 -9.11 -22.86
N CYS A 863 19.90 -8.63 -23.76
CA CYS A 863 20.00 -7.28 -24.27
C CYS A 863 18.67 -6.54 -24.16
N LEU A 864 18.76 -5.21 -24.20
CA LEU A 864 17.60 -4.36 -24.43
C LEU A 864 17.20 -4.55 -25.88
N PRO A 865 15.93 -4.31 -26.22
CA PRO A 865 15.46 -4.54 -27.59
C PRO A 865 16.27 -3.76 -28.62
N ASP A 866 16.74 -2.58 -28.26
CA ASP A 866 17.64 -1.84 -29.13
C ASP A 866 18.63 -1.03 -28.31
N GLY A 867 19.79 -1.60 -28.02
CA GLY A 867 20.13 -2.98 -28.35
C GLY A 867 21.30 -3.34 -27.48
N THR A 868 21.51 -2.51 -26.46
CA THR A 868 22.64 -2.59 -25.56
C THR A 868 22.59 -3.79 -24.62
N PRO A 869 23.76 -4.40 -24.36
CA PRO A 869 23.89 -5.54 -23.45
C PRO A 869 23.52 -5.17 -22.02
N VAL A 870 22.95 -6.13 -21.29
CA VAL A 870 22.59 -5.92 -19.89
C VAL A 870 23.52 -6.72 -18.97
N ASP A 871 24.03 -6.07 -17.93
CA ASP A 871 24.88 -6.75 -16.95
C ASP A 871 24.06 -7.21 -15.74
N LEU A 872 23.69 -8.49 -15.75
CA LEU A 872 22.92 -9.07 -14.66
C LEU A 872 23.71 -9.18 -13.35
N ASP A 873 25.03 -9.18 -13.47
CA ASP A 873 25.90 -9.41 -12.30
C ASP A 873 26.12 -8.20 -11.38
N THR A 874 25.78 -7.00 -11.84
CA THR A 874 25.99 -5.80 -11.02
C THR A 874 24.72 -4.96 -10.98
N PRO A 875 24.52 -4.21 -9.88
CA PRO A 875 23.31 -3.37 -9.84
C PRO A 875 23.34 -2.32 -10.95
N PRO A 876 22.19 -2.06 -11.56
CA PRO A 876 22.01 -1.01 -12.57
C PRO A 876 22.20 0.40 -12.00
N ASP A 877 22.73 1.32 -12.81
CA ASP A 877 22.66 2.73 -12.46
C ASP A 877 21.25 3.24 -12.76
N ALA A 878 20.93 4.47 -12.34
CA ALA A 878 19.57 4.97 -12.45
C ALA A 878 19.04 5.00 -13.89
N ALA A 879 19.91 5.29 -14.84
CA ALA A 879 19.52 5.34 -16.24
C ALA A 879 19.19 3.95 -16.79
N MSE A 880 20.10 3.00 -16.56
CA MSE A 880 19.91 1.64 -17.02
C MSE A 880 18.70 1.02 -16.33
O MSE A 880 17.95 0.27 -16.93
CB MSE A 880 21.16 0.80 -16.74
CG MSE A 880 21.01 -0.67 -17.12
SE MSE A 880 20.63 -0.95 -19.02
CE MSE A 880 22.37 -0.44 -19.75
N ALA A 881 18.51 1.39 -15.07
CA ALA A 881 17.36 0.91 -14.31
C ALA A 881 16.09 1.48 -14.89
N GLU A 882 16.17 2.70 -15.40
CA GLU A 882 15.00 3.31 -16.04
C GLU A 882 14.65 2.52 -17.29
N ARG A 883 15.68 2.18 -18.06
CA ARG A 883 15.47 1.40 -19.28
C ARG A 883 14.92 0.01 -18.99
N LEU A 884 15.35 -0.58 -17.88
CA LEU A 884 14.91 -1.93 -17.53
C LEU A 884 13.47 -1.91 -17.03
N LEU A 885 13.15 -0.93 -16.20
CA LEU A 885 11.81 -0.80 -15.66
C LEU A 885 10.79 -0.46 -16.75
N ARG A 886 11.25 0.19 -17.81
CA ARG A 886 10.38 0.40 -18.98
C ARG A 886 9.96 -0.93 -19.64
N ARG A 887 10.80 -1.96 -19.47
CA ARG A 887 10.52 -3.28 -20.02
C ARG A 887 9.72 -4.18 -19.07
N SER A 888 9.35 -3.65 -17.92
CA SER A 888 8.73 -4.47 -16.87
C SER A 888 7.26 -4.83 -17.15
N VAL A 889 6.85 -5.98 -16.62
CA VAL A 889 5.49 -6.47 -16.72
C VAL A 889 5.21 -7.42 -15.55
N ALA A 890 3.97 -7.40 -15.05
CA ALA A 890 3.59 -8.28 -13.96
C ALA A 890 2.79 -9.48 -14.48
N ILE A 891 3.47 -10.60 -14.67
CA ILE A 891 2.83 -11.85 -15.08
C ILE A 891 1.96 -12.38 -13.95
N THR A 892 0.77 -12.86 -14.28
CA THR A 892 -0.15 -13.37 -13.26
C THR A 892 -0.80 -14.70 -13.66
N ASP A 893 -0.60 -15.11 -14.90
CA ASP A 893 -1.17 -16.34 -15.42
C ASP A 893 -0.66 -17.52 -14.60
N ALA A 894 -1.57 -18.39 -14.19
CA ALA A 894 -1.23 -19.49 -13.30
C ALA A 894 -0.30 -20.52 -13.93
N ARG A 895 -0.40 -20.67 -15.25
CA ARG A 895 0.34 -21.72 -15.95
C ARG A 895 1.85 -21.56 -15.89
N VAL A 896 2.32 -20.31 -15.90
CA VAL A 896 3.76 -20.06 -15.93
C VAL A 896 4.30 -19.42 -14.66
N LEU A 897 3.42 -19.18 -13.69
CA LEU A 897 3.80 -18.44 -12.50
C LEU A 897 4.91 -19.13 -11.70
N ASP A 898 4.71 -20.41 -11.38
CA ASP A 898 5.75 -21.18 -10.69
C ASP A 898 7.08 -21.34 -11.44
N PRO A 899 7.05 -21.78 -12.72
CA PRO A 899 8.33 -21.88 -13.44
C PRO A 899 9.08 -20.55 -13.54
N LEU A 900 8.34 -19.44 -13.64
CA LEU A 900 8.97 -18.13 -13.66
C LEU A 900 9.65 -17.80 -12.34
N LEU A 901 9.02 -18.20 -11.24
CA LEU A 901 9.58 -17.99 -9.91
C LEU A 901 10.83 -18.83 -9.69
N ASP A 902 10.92 -19.95 -10.39
CA ASP A 902 12.10 -20.81 -10.31
C ASP A 902 13.32 -20.12 -10.90
N VAL A 903 13.10 -19.17 -11.79
CA VAL A 903 14.20 -18.38 -12.34
C VAL A 903 14.75 -17.50 -11.23
N PRO A 904 16.05 -17.63 -10.95
CA PRO A 904 16.69 -16.81 -9.89
C PRO A 904 16.65 -15.32 -10.25
N VAL A 905 16.49 -14.47 -9.25
CA VAL A 905 16.74 -13.06 -9.46
C VAL A 905 18.25 -12.89 -9.59
N PRO A 906 18.71 -12.21 -10.65
CA PRO A 906 20.15 -12.08 -10.91
C PRO A 906 20.86 -11.31 -9.79
N LYS A 907 22.11 -11.67 -9.52
CA LYS A 907 22.81 -11.19 -8.35
C LYS A 907 22.99 -9.67 -8.29
N GLY A 908 23.11 -9.03 -9.46
CA GLY A 908 23.18 -7.59 -9.49
C GLY A 908 21.85 -6.93 -9.13
N TRP A 909 20.76 -7.54 -9.57
CA TRP A 909 19.43 -6.99 -9.29
C TRP A 909 19.01 -7.12 -7.82
N GLU A 910 19.45 -8.19 -7.17
CA GLU A 910 19.06 -8.42 -5.78
C GLU A 910 19.72 -7.42 -4.84
N ARG A 911 20.81 -6.82 -5.30
CA ARG A 911 21.51 -5.78 -4.54
C ARG A 911 21.09 -4.39 -5.00
N SER A 912 19.99 -4.32 -5.75
CA SER A 912 19.42 -3.05 -6.19
C SER A 912 18.02 -2.86 -5.64
N SER A 913 17.78 -1.71 -4.99
CA SER A 913 16.45 -1.40 -4.47
C SER A 913 15.45 -1.23 -5.61
N LEU A 914 15.95 -0.79 -6.76
CA LEU A 914 15.09 -0.56 -7.91
C LEU A 914 14.62 -1.85 -8.58
N LEU A 915 15.50 -2.84 -8.64
CA LEU A 915 15.21 -4.05 -9.41
C LEU A 915 15.19 -5.37 -8.65
N ARG A 916 15.27 -5.30 -7.32
CA ARG A 916 15.18 -6.51 -6.51
C ARG A 916 13.82 -7.17 -6.70
N GLY A 917 13.85 -8.49 -6.87
CA GLY A 917 12.64 -9.28 -7.04
C GLY A 917 12.21 -9.46 -8.48
N TYR A 918 12.80 -8.68 -9.39
CA TYR A 918 12.49 -8.82 -10.81
C TYR A 918 13.19 -10.03 -11.43
N ARG A 919 12.54 -10.62 -12.44
CA ARG A 919 13.09 -11.78 -13.13
C ARG A 919 13.34 -11.42 -14.59
N PRO A 920 14.55 -11.70 -15.09
CA PRO A 920 14.75 -11.50 -16.53
C PRO A 920 13.85 -12.43 -17.34
N LEU A 921 13.38 -11.93 -18.48
CA LEU A 921 12.52 -12.72 -19.37
C LEU A 921 13.02 -12.50 -20.78
N VAL A 922 13.85 -13.44 -21.25
CA VAL A 922 14.58 -13.26 -22.49
C VAL A 922 13.91 -13.94 -23.69
N PHE A 923 13.22 -13.16 -24.49
CA PHE A 923 12.66 -13.62 -25.77
C PHE A 923 13.73 -13.70 -26.86
N ASP A 924 13.55 -14.60 -27.82
CA ASP A 924 14.45 -14.66 -28.96
C ASP A 924 14.02 -13.68 -30.04
N ALA A 925 14.64 -13.77 -31.21
CA ALA A 925 14.35 -12.87 -32.31
C ALA A 925 12.89 -12.99 -32.76
N SER A 926 12.31 -14.16 -32.57
CA SER A 926 10.94 -14.43 -32.97
C SER A 926 9.92 -13.99 -31.92
N GLY A 927 10.40 -13.50 -30.79
CA GLY A 927 9.53 -13.11 -29.70
C GLY A 927 9.10 -14.26 -28.80
N ARG A 928 9.74 -15.41 -28.97
CA ARG A 928 9.43 -16.60 -28.17
C ARG A 928 10.41 -16.84 -27.03
N ALA A 929 9.92 -17.46 -25.96
CA ALA A 929 10.77 -17.89 -24.86
C ALA A 929 10.16 -19.12 -24.21
N MSE A 930 11.01 -20.08 -23.84
CA MSE A 930 10.52 -21.28 -23.16
C MSE A 930 10.44 -21.03 -21.65
O MSE A 930 11.41 -20.57 -21.05
CB MSE A 930 11.41 -22.47 -23.47
CG MSE A 930 10.71 -23.80 -23.34
SE MSE A 930 9.27 -24.01 -24.65
CE MSE A 930 8.34 -25.53 -23.85
N VAL A 931 9.30 -21.33 -21.06
CA VAL A 931 9.08 -21.16 -19.63
C VAL A 931 8.30 -22.36 -19.11
N GLY A 932 8.97 -23.26 -18.41
CA GLY A 932 8.36 -24.51 -18.00
C GLY A 932 7.94 -25.32 -19.21
N ARG A 933 6.73 -25.86 -19.18
CA ARG A 933 6.19 -26.60 -20.32
C ARG A 933 5.60 -25.66 -21.37
N TRP A 934 5.49 -24.39 -21.01
CA TRP A 934 4.77 -23.42 -21.84
C TRP A 934 5.66 -22.54 -22.71
N ILE A 935 5.12 -22.15 -23.86
CA ILE A 935 5.72 -21.11 -24.69
C ILE A 935 5.18 -19.76 -24.22
N VAL A 936 6.08 -18.81 -23.96
CA VAL A 936 5.66 -17.44 -23.69
C VAL A 936 6.10 -16.57 -24.86
N ARG A 937 5.21 -15.70 -25.31
CA ARG A 937 5.43 -14.99 -26.55
C ARG A 937 5.14 -13.52 -26.37
N ILE A 938 6.01 -12.66 -26.87
CA ILE A 938 5.74 -11.23 -26.80
C ILE A 938 5.14 -10.73 -28.12
N ASP A 939 3.85 -10.46 -28.07
CA ASP A 939 3.08 -10.06 -29.25
C ASP A 939 2.86 -8.55 -29.30
N PRO A 940 3.21 -7.91 -30.43
CA PRO A 940 3.03 -6.46 -30.56
C PRO A 940 1.57 -6.02 -30.39
N GLU A 941 0.62 -6.86 -30.80
CA GLU A 941 -0.79 -6.56 -30.59
C GLU A 941 -1.31 -7.10 -29.25
N LEU A 942 -1.05 -8.38 -29.00
CA LEU A 942 -1.64 -9.08 -27.87
C LEU A 942 -0.94 -8.89 -26.52
N GLY A 943 0.27 -8.35 -26.54
CA GLY A 943 1.08 -8.32 -25.33
C GLY A 943 1.66 -9.69 -25.03
N ILE A 944 1.98 -9.96 -23.78
CA ILE A 944 2.47 -11.28 -23.41
C ILE A 944 1.37 -12.33 -23.60
N VAL A 945 1.73 -13.44 -24.23
CA VAL A 945 0.79 -14.51 -24.52
C VAL A 945 1.39 -15.84 -24.08
N VAL A 946 0.65 -16.54 -23.23
CA VAL A 946 1.06 -17.86 -22.78
C VAL A 946 0.32 -18.91 -23.59
N GLU A 947 1.05 -19.82 -24.22
CA GLU A 947 0.43 -20.84 -25.05
C GLU A 947 1.17 -22.18 -24.98
N SER A 948 0.42 -23.27 -25.11
CA SER A 948 1.02 -24.59 -25.14
C SER A 948 1.66 -24.86 -26.48
N PRO A 949 2.82 -25.54 -26.49
CA PRO A 949 3.48 -25.94 -27.73
C PRO A 949 2.66 -26.98 -28.49
NI NI B . 20.11 1.95 13.74
NI NI C . 19.37 -1.85 14.18
NI NI D . 20.59 -0.11 11.93
#